data_8TRM
#
_entry.id   8TRM
#
_cell.length_a   1.00
_cell.length_b   1.00
_cell.length_c   1.00
_cell.angle_alpha   90.00
_cell.angle_beta   90.00
_cell.angle_gamma   90.00
#
_symmetry.space_group_name_H-M   'P 1'
#
loop_
_entity.id
_entity.type
_entity.pdbx_description
1 polymer Actin
2 non-polymer 'MAGNESIUM ION'
3 non-polymer "ADENOSINE-5'-DIPHOSPHATE"
4 water water
#
_entity_poly.entity_id   1
_entity_poly.type   'polypeptide(L)'
_entity_poly.pdbx_seq_one_letter_code
;MADEEVQALVVDNGSGNVKAGVAGDDAPRAVFPSIVGKPKNPGIMVGMEEKDCYVGDEAQSKRGILTLKYPIEHGIVTNW
DDMEKIWHHTFYNELRVAPEEHPVLLTEAPLNPKANRERMTQIMFETFNVPAMYVAIQAVLSLYSSGRTTGIVLDSGDGV
SHTVPIYEGYALPHAIMRLDLAGRDLTEYMMKILHERGYGFTTSAEKEIVRDIKEKLCYIALDFDEEMKAAEDSSDIEKS
YELPDGNIITVGNERFRCPEALFQPSFLGKEAAGVHRTTFDSIMKCDVDIRKDLYGNVVLSGGTTMYEGIGERLTKELTS
LAPSTMKIKVVAPPERKYSVWIGGSILSSLSTFQQMWITKEEYDESGPSIVHRKCF
;
_entity_poly.pdbx_strand_id   A,B,C
#
# COMPACT_ATOMS: atom_id res chain seq x y z
N VAL A 6 -24.43 36.35 -20.65
CA VAL A 6 -24.37 34.89 -20.68
C VAL A 6 -23.63 34.37 -19.47
N GLN A 7 -24.32 33.58 -18.65
CA GLN A 7 -23.72 32.99 -17.46
C GLN A 7 -23.03 31.68 -17.81
N ALA A 8 -21.99 31.36 -17.07
CA ALA A 8 -21.25 30.13 -17.26
C ALA A 8 -21.87 29.00 -16.44
N LEU A 9 -21.59 27.77 -16.86
CA LEU A 9 -21.97 26.59 -16.11
C LEU A 9 -20.78 26.12 -15.28
N VAL A 10 -21.04 25.76 -14.02
CA VAL A 10 -20.02 25.27 -13.12
C VAL A 10 -20.32 23.81 -12.82
N VAL A 11 -19.38 22.93 -13.15
CA VAL A 11 -19.53 21.50 -12.92
C VAL A 11 -18.36 21.05 -12.06
N ASP A 12 -18.66 20.46 -10.90
CA ASP A 12 -17.65 19.89 -10.02
C ASP A 12 -17.75 18.38 -10.16
N ASN A 13 -16.79 17.78 -10.87
CA ASN A 13 -16.78 16.35 -11.11
C ASN A 13 -15.97 15.67 -10.01
N GLY A 14 -16.63 15.39 -8.90
CA GLY A 14 -16.00 14.64 -7.83
C GLY A 14 -16.00 13.15 -8.12
N SER A 15 -15.24 12.42 -7.30
CA SER A 15 -15.21 10.97 -7.43
C SER A 15 -16.53 10.34 -7.02
N GLY A 16 -17.25 10.95 -6.08
CA GLY A 16 -18.49 10.38 -5.60
C GLY A 16 -19.74 11.00 -6.19
N ASN A 17 -19.79 12.32 -6.27
CA ASN A 17 -21.00 13.04 -6.68
C ASN A 17 -20.66 14.10 -7.73
N VAL A 18 -21.69 14.52 -8.46
CA VAL A 18 -21.59 15.60 -9.42
C VAL A 18 -22.38 16.78 -8.89
N LYS A 19 -21.74 17.94 -8.79
CA LYS A 19 -22.39 19.19 -8.44
C LYS A 19 -22.35 20.10 -9.66
N ALA A 20 -23.52 20.46 -10.18
CA ALA A 20 -23.63 21.28 -11.38
C ALA A 20 -24.63 22.40 -11.14
N GLY A 21 -24.43 23.49 -11.87
CA GLY A 21 -25.32 24.63 -11.73
C GLY A 21 -24.89 25.76 -12.64
N VAL A 22 -25.51 26.91 -12.43
CA VAL A 22 -25.26 28.12 -13.21
C VAL A 22 -24.52 29.12 -12.33
N ALA A 23 -23.51 29.77 -12.91
CA ALA A 23 -22.73 30.75 -12.17
C ALA A 23 -23.62 31.88 -11.67
N GLY A 24 -23.39 32.31 -10.44
CA GLY A 24 -24.18 33.33 -9.80
C GLY A 24 -25.19 32.80 -8.80
N ASP A 25 -25.50 31.52 -8.86
CA ASP A 25 -26.42 30.91 -7.91
C ASP A 25 -25.73 30.67 -6.57
N ASP A 26 -26.52 30.66 -5.50
CA ASP A 26 -25.97 30.48 -4.17
C ASP A 26 -25.56 29.04 -3.90
N ALA A 27 -26.23 28.08 -4.52
CA ALA A 27 -25.96 26.67 -4.32
C ALA A 27 -26.09 25.95 -5.65
N PRO A 28 -25.44 24.80 -5.79
CA PRO A 28 -25.68 23.97 -6.99
C PRO A 28 -27.11 23.46 -7.02
N ARG A 29 -27.64 23.32 -8.23
CA ARG A 29 -29.02 22.91 -8.42
C ARG A 29 -29.16 21.45 -8.85
N ALA A 30 -28.06 20.74 -9.07
CA ALA A 30 -28.09 19.34 -9.46
C ALA A 30 -26.97 18.61 -8.73
N VAL A 31 -27.34 17.79 -7.75
CA VAL A 31 -26.38 16.99 -6.98
C VAL A 31 -26.87 15.55 -7.03
N PHE A 32 -26.18 14.71 -7.79
CA PHE A 32 -26.56 13.31 -7.96
C PHE A 32 -25.30 12.45 -7.93
N PRO A 33 -25.44 11.18 -7.53
CA PRO A 33 -24.27 10.30 -7.51
C PRO A 33 -23.69 10.06 -8.90
N SER A 34 -22.38 9.89 -8.94
CA SER A 34 -21.65 9.73 -10.20
C SER A 34 -21.45 8.25 -10.49
N ILE A 35 -22.56 7.58 -10.81
CA ILE A 35 -22.57 6.15 -11.02
C ILE A 35 -23.24 5.82 -12.34
N VAL A 36 -22.87 4.67 -12.91
CA VAL A 36 -23.53 4.09 -14.06
C VAL A 36 -23.85 2.65 -13.73
N GLY A 37 -25.09 2.24 -13.94
CA GLY A 37 -25.54 0.89 -13.61
C GLY A 37 -26.02 0.14 -14.84
N LYS A 38 -25.76 -1.15 -14.86
CA LYS A 38 -26.18 -2.02 -15.96
C LYS A 38 -26.90 -3.25 -15.42
N PRO A 39 -27.99 -3.67 -16.06
CA PRO A 39 -28.76 -4.80 -15.54
C PRO A 39 -27.97 -6.10 -15.58
N LYS A 40 -28.04 -6.86 -14.47
CA LYS A 40 -27.36 -8.14 -14.39
C LYS A 40 -27.95 -9.12 -15.39
N ASN A 41 -29.28 -9.19 -15.47
CA ASN A 41 -29.97 -10.04 -16.42
C ASN A 41 -30.59 -9.17 -17.50
N PRO A 42 -29.96 -9.02 -18.67
CA PRO A 42 -30.51 -8.13 -19.71
C PRO A 42 -31.76 -8.72 -20.35
N GLY A 43 -32.89 -8.62 -19.66
CA GLY A 43 -34.16 -9.06 -20.20
C GLY A 43 -35.32 -8.51 -19.41
N ILE A 44 -36.30 -7.91 -20.10
CA ILE A 44 -37.40 -7.23 -19.46
C ILE A 44 -38.71 -7.75 -20.05
N MET A 45 -39.79 -7.54 -19.30
CA MET A 45 -41.12 -7.96 -19.74
C MET A 45 -41.50 -7.27 -21.04
N VAL A 46 -42.18 -8.00 -21.92
CA VAL A 46 -42.55 -7.46 -23.21
C VAL A 46 -43.47 -6.25 -23.02
N GLY A 47 -43.19 -5.19 -23.77
CA GLY A 47 -43.92 -3.95 -23.68
C GLY A 47 -43.26 -2.90 -22.81
N MET A 48 -42.28 -3.29 -21.99
CA MET A 48 -41.55 -2.35 -21.15
C MET A 48 -40.35 -1.79 -21.89
N GLU A 49 -40.00 -0.54 -21.58
CA GLU A 49 -38.85 0.10 -22.19
C GLU A 49 -37.58 -0.38 -21.51
N GLU A 50 -36.66 -0.93 -22.29
CA GLU A 50 -35.41 -1.47 -21.78
C GLU A 50 -34.27 -0.50 -22.09
N LYS A 51 -33.52 -0.12 -21.06
CA LYS A 51 -32.41 0.80 -21.19
C LYS A 51 -31.10 0.05 -20.98
N ASP A 52 -30.10 0.37 -21.80
CA ASP A 52 -28.81 -0.30 -21.70
C ASP A 52 -28.13 0.01 -20.37
N CYS A 53 -28.23 1.26 -19.91
CA CYS A 53 -27.58 1.66 -18.68
C CYS A 53 -28.40 2.74 -18.01
N TYR A 54 -28.15 2.92 -16.72
CA TYR A 54 -28.81 3.94 -15.91
C TYR A 54 -27.76 4.83 -15.28
N VAL A 55 -28.06 6.12 -15.17
CA VAL A 55 -27.11 7.12 -14.68
C VAL A 55 -27.75 7.86 -13.52
N GLY A 56 -27.00 8.00 -12.41
CA GLY A 56 -27.38 8.89 -11.33
C GLY A 56 -28.41 8.37 -10.36
N ASP A 57 -29.37 9.24 -10.01
CA ASP A 57 -30.41 8.87 -9.06
C ASP A 57 -31.25 7.70 -9.57
N GLU A 58 -31.48 7.63 -10.88
CA GLU A 58 -32.23 6.51 -11.43
C GLU A 58 -31.48 5.20 -11.23
N ALA A 59 -30.16 5.21 -11.43
CA ALA A 59 -29.36 4.03 -11.16
C ALA A 59 -29.38 3.67 -9.69
N GLN A 60 -29.36 4.69 -8.82
CA GLN A 60 -29.39 4.44 -7.39
C GLN A 60 -30.74 3.88 -6.93
N SER A 61 -31.82 4.21 -7.65
CA SER A 61 -33.15 3.82 -7.22
C SER A 61 -33.43 2.34 -7.48
N LYS A 62 -32.93 1.79 -8.57
CA LYS A 62 -33.13 0.38 -8.89
C LYS A 62 -31.82 -0.39 -8.89
N ARG A 63 -30.99 -0.13 -7.89
CA ARG A 63 -29.70 -0.79 -7.75
C ARG A 63 -29.83 -2.28 -7.44
N GLY A 64 -31.02 -2.76 -7.08
CA GLY A 64 -31.16 -4.16 -6.71
C GLY A 64 -30.95 -5.11 -7.88
N ILE A 65 -31.17 -4.63 -9.10
CA ILE A 65 -31.00 -5.45 -10.30
C ILE A 65 -29.89 -4.89 -11.20
N LEU A 66 -29.06 -3.99 -10.69
CA LEU A 66 -28.00 -3.38 -11.47
C LEU A 66 -26.65 -3.68 -10.85
N THR A 67 -25.62 -3.60 -11.68
CA THR A 67 -24.23 -3.57 -11.23
C THR A 67 -23.74 -2.14 -11.40
N LEU A 68 -23.30 -1.52 -10.30
CA LEU A 68 -22.93 -0.11 -10.30
C LEU A 68 -21.43 0.06 -10.47
N LYS A 69 -21.03 1.04 -11.26
CA LYS A 69 -19.64 1.35 -11.53
C LYS A 69 -19.39 2.83 -11.33
N TYR A 70 -18.21 3.17 -10.80
CA TYR A 70 -17.77 4.55 -10.71
C TYR A 70 -16.77 4.82 -11.82
N PRO A 71 -17.01 5.79 -12.69
CA PRO A 71 -16.02 6.11 -13.74
C PRO A 71 -14.81 6.91 -13.26
N ILE A 72 -14.76 7.29 -11.98
CA ILE A 72 -13.65 8.04 -11.43
C ILE A 72 -13.18 7.38 -10.15
N GLU A 73 -11.87 7.11 -10.05
CA GLU A 73 -11.24 6.64 -8.82
C GLU A 73 -10.05 7.52 -8.51
N HIS A 74 -9.99 8.02 -7.27
CA HIS A 74 -8.88 8.84 -6.79
C HIS A 74 -8.68 10.09 -7.67
N GLY A 75 -9.79 10.66 -8.13
CA GLY A 75 -9.74 11.85 -8.95
C GLY A 75 -9.33 11.65 -10.39
N ILE A 76 -9.12 10.41 -10.82
CA ILE A 76 -8.68 10.09 -12.17
C ILE A 76 -9.79 9.32 -12.87
N VAL A 77 -10.17 9.79 -14.07
CA VAL A 77 -11.20 9.11 -14.85
C VAL A 77 -10.64 7.81 -15.39
N THR A 78 -11.33 6.71 -15.10
CA THR A 78 -10.89 5.38 -15.52
C THR A 78 -11.73 4.76 -16.63
N ASN A 79 -12.88 5.37 -16.96
CA ASN A 79 -13.75 4.86 -18.01
C ASN A 79 -14.35 6.06 -18.72
N TRP A 80 -13.84 6.37 -19.92
CA TRP A 80 -14.21 7.62 -20.58
C TRP A 80 -15.59 7.56 -21.23
N ASP A 81 -16.03 6.37 -21.66
CA ASP A 81 -17.40 6.25 -22.17
C ASP A 81 -18.43 6.53 -21.09
N ASP A 82 -18.21 5.97 -19.89
CA ASP A 82 -19.13 6.21 -18.79
C ASP A 82 -19.08 7.66 -18.33
N MET A 83 -17.88 8.26 -18.34
CA MET A 83 -17.77 9.69 -18.02
C MET A 83 -18.53 10.54 -19.02
N GLU A 84 -18.45 10.19 -20.31
CA GLU A 84 -19.19 10.93 -21.33
C GLU A 84 -20.69 10.78 -21.13
N LYS A 85 -21.14 9.57 -20.77
CA LYS A 85 -22.56 9.37 -20.49
C LYS A 85 -23.01 10.18 -19.30
N ILE A 86 -22.18 10.25 -18.25
CA ILE A 86 -22.52 11.04 -17.07
C ILE A 86 -22.59 12.53 -17.41
N TRP A 87 -21.65 13.02 -18.22
CA TRP A 87 -21.69 14.42 -18.61
C TRP A 87 -22.91 14.73 -19.48
N HIS A 88 -23.27 13.81 -20.38
CA HIS A 88 -24.46 13.98 -21.19
C HIS A 88 -25.71 14.04 -20.32
N HIS A 89 -25.80 13.16 -19.33
CA HIS A 89 -26.90 13.21 -18.37
C HIS A 89 -26.93 14.56 -17.66
N THR A 90 -25.78 14.99 -17.14
CA THR A 90 -25.70 16.26 -16.43
C THR A 90 -26.23 17.41 -17.28
N PHE A 91 -25.80 17.47 -18.53
CA PHE A 91 -26.18 18.62 -19.36
C PHE A 91 -27.63 18.55 -19.80
N TYR A 92 -28.14 17.37 -20.15
CA TYR A 92 -29.41 17.31 -20.85
C TYR A 92 -30.59 16.92 -19.99
N ASN A 93 -30.40 16.19 -18.89
CA ASN A 93 -31.52 15.78 -18.05
C ASN A 93 -31.56 16.48 -16.71
N GLU A 94 -30.42 16.93 -16.20
CA GLU A 94 -30.37 17.60 -14.90
C GLU A 94 -30.45 19.12 -15.04
N LEU A 95 -29.48 19.70 -15.74
CA LEU A 95 -29.50 21.15 -15.96
C LEU A 95 -30.49 21.55 -17.04
N ARG A 96 -30.68 20.71 -18.05
CA ARG A 96 -31.61 20.95 -19.15
C ARG A 96 -31.23 22.23 -19.90
N VAL A 97 -29.98 22.27 -20.35
CA VAL A 97 -29.43 23.40 -21.09
C VAL A 97 -28.75 22.87 -22.35
N ALA A 98 -28.31 23.80 -23.20
CA ALA A 98 -27.53 23.47 -24.37
C ALA A 98 -26.08 23.85 -24.10
N PRO A 99 -25.16 22.89 -23.96
CA PRO A 99 -23.78 23.24 -23.60
C PRO A 99 -23.05 24.06 -24.66
N GLU A 100 -23.56 24.10 -25.89
CA GLU A 100 -22.91 24.89 -26.94
C GLU A 100 -23.13 26.39 -26.78
N GLU A 101 -23.93 26.82 -25.81
CA GLU A 101 -24.19 28.24 -25.59
C GLU A 101 -23.53 28.79 -24.34
N HIS A 102 -23.09 27.94 -23.42
CA HIS A 102 -22.50 28.40 -22.18
C HIS A 102 -21.05 27.96 -22.06
N PRO A 103 -20.16 28.82 -21.58
CA PRO A 103 -18.83 28.35 -21.15
C PRO A 103 -18.95 27.50 -19.90
N VAL A 104 -18.02 26.55 -19.75
CA VAL A 104 -18.08 25.55 -18.70
C VAL A 104 -16.82 25.64 -17.86
N LEU A 105 -16.98 25.74 -16.54
CA LEU A 105 -15.87 25.69 -15.60
C LEU A 105 -15.82 24.30 -14.97
N LEU A 106 -14.71 23.62 -15.13
CA LEU A 106 -14.49 22.30 -14.56
C LEU A 106 -13.48 22.37 -13.42
N THR A 107 -13.41 21.29 -12.65
CA THR A 107 -12.53 21.20 -11.49
C THR A 107 -11.70 19.94 -11.57
N GLU A 108 -10.53 19.97 -10.93
CA GLU A 108 -9.65 18.82 -10.87
C GLU A 108 -8.81 18.89 -9.60
N ALA A 109 -8.30 17.73 -9.18
CA ALA A 109 -7.42 17.62 -8.03
C ALA A 109 -5.97 17.91 -8.42
N PRO A 110 -5.18 18.50 -7.53
CA PRO A 110 -3.79 18.80 -7.86
C PRO A 110 -2.95 17.54 -7.99
N LEU A 111 -1.87 17.66 -8.78
CA LEU A 111 -0.92 16.58 -9.01
C LEU A 111 -1.55 15.40 -9.73
N ASN A 112 -2.51 15.67 -10.61
CA ASN A 112 -3.12 14.67 -11.47
C ASN A 112 -2.30 14.50 -12.74
N PRO A 113 -2.45 13.36 -13.42
CA PRO A 113 -1.79 13.19 -14.72
C PRO A 113 -2.32 14.15 -15.77
N LYS A 114 -1.47 14.47 -16.73
CA LYS A 114 -1.80 15.48 -17.75
C LYS A 114 -2.86 14.98 -18.72
N ALA A 115 -2.84 13.68 -19.03
CA ALA A 115 -3.78 13.12 -20.00
C ALA A 115 -5.23 13.30 -19.55
N ASN A 116 -5.48 13.29 -18.25
CA ASN A 116 -6.83 13.52 -17.75
C ASN A 116 -7.34 14.89 -18.17
N ARG A 117 -6.54 15.93 -17.93
CA ARG A 117 -6.90 17.28 -18.33
C ARG A 117 -7.05 17.40 -19.84
N GLU A 118 -6.12 16.78 -20.60
CA GLU A 118 -6.20 16.86 -22.05
C GLU A 118 -7.46 16.21 -22.59
N ARG A 119 -7.83 15.05 -22.06
CA ARG A 119 -9.06 14.39 -22.49
C ARG A 119 -10.29 15.20 -22.11
N MET A 120 -10.27 15.82 -20.91
CA MET A 120 -11.37 16.68 -20.53
C MET A 120 -11.56 17.80 -21.54
N THR A 121 -10.47 18.47 -21.92
CA THR A 121 -10.55 19.56 -22.89
C THR A 121 -11.05 19.06 -24.24
N GLN A 122 -10.51 17.94 -24.71
CA GLN A 122 -10.89 17.42 -26.02
C GLN A 122 -12.36 17.04 -26.06
N ILE A 123 -12.85 16.38 -25.01
CA ILE A 123 -14.25 15.96 -24.99
C ILE A 123 -15.18 17.17 -24.87
N MET A 124 -14.80 18.16 -24.07
CA MET A 124 -15.62 19.35 -23.96
C MET A 124 -15.72 20.09 -25.29
N PHE A 125 -14.61 20.19 -26.02
CA PHE A 125 -14.63 20.99 -27.23
C PHE A 125 -15.18 20.24 -28.45
N GLU A 126 -14.96 18.94 -28.54
CA GLU A 126 -15.31 18.21 -29.75
C GLU A 126 -16.61 17.42 -29.66
N THR A 127 -17.04 17.05 -28.46
CA THR A 127 -18.29 16.30 -28.29
C THR A 127 -19.46 17.21 -27.93
N PHE A 128 -19.27 18.12 -26.98
CA PHE A 128 -20.34 19.00 -26.54
C PHE A 128 -20.28 20.37 -27.18
N ASN A 129 -19.19 20.69 -27.88
CA ASN A 129 -19.07 21.92 -28.69
C ASN A 129 -19.31 23.17 -27.86
N VAL A 130 -18.61 23.27 -26.74
CA VAL A 130 -18.73 24.43 -25.86
C VAL A 130 -17.99 25.61 -26.49
N PRO A 131 -18.35 26.85 -26.16
CA PRO A 131 -17.62 28.00 -26.69
C PRO A 131 -16.28 28.21 -26.01
N ALA A 132 -16.23 27.95 -24.71
CA ALA A 132 -15.01 28.14 -23.93
C ALA A 132 -15.08 27.24 -22.70
N MET A 133 -13.93 27.05 -22.05
CA MET A 133 -13.87 26.26 -20.83
C MET A 133 -12.64 26.66 -20.03
N TYR A 134 -12.56 26.10 -18.83
CA TYR A 134 -11.45 26.33 -17.92
C TYR A 134 -11.40 25.18 -16.93
N VAL A 135 -10.21 24.90 -16.42
CA VAL A 135 -10.00 23.87 -15.40
C VAL A 135 -9.33 24.55 -14.21
N ALA A 136 -9.88 24.35 -13.02
CA ALA A 136 -9.39 24.97 -11.80
C ALA A 136 -9.16 23.92 -10.72
N ILE A 137 -8.27 24.25 -9.78
CA ILE A 137 -7.97 23.37 -8.66
C ILE A 137 -9.02 23.57 -7.57
N GLN A 138 -9.48 22.47 -6.98
CA GLN A 138 -10.63 22.50 -6.10
C GLN A 138 -10.37 23.29 -4.83
N ALA A 139 -9.18 23.11 -4.23
CA ALA A 139 -8.86 23.82 -2.99
C ALA A 139 -8.80 25.33 -3.20
N VAL A 140 -8.31 25.77 -4.36
CA VAL A 140 -8.29 27.19 -4.67
C VAL A 140 -9.71 27.74 -4.71
N LEU A 141 -10.63 27.00 -5.32
CA LEU A 141 -12.03 27.42 -5.34
C LEU A 141 -12.61 27.47 -3.92
N SER A 142 -12.25 26.50 -3.09
CA SER A 142 -12.70 26.52 -1.70
C SER A 142 -12.22 27.76 -0.98
N LEU A 143 -10.97 28.16 -1.22
CA LEU A 143 -10.47 29.40 -0.63
C LEU A 143 -11.19 30.62 -1.20
N TYR A 144 -11.57 30.57 -2.47
CA TYR A 144 -12.40 31.64 -3.05
C TYR A 144 -13.73 31.75 -2.30
N SER A 145 -14.33 30.61 -1.96
CA SER A 145 -15.64 30.61 -1.32
C SER A 145 -15.61 31.26 0.06
N SER A 146 -14.48 31.17 0.76
CA SER A 146 -14.38 31.64 2.13
C SER A 146 -14.15 33.15 2.24
N GLY A 147 -13.95 33.83 1.13
CA GLY A 147 -13.68 35.26 1.17
C GLY A 147 -12.38 35.62 1.85
N ARG A 148 -11.33 34.83 1.64
CA ARG A 148 -10.02 35.06 2.25
C ARG A 148 -8.95 34.88 1.19
N THR A 149 -7.80 35.51 1.43
CA THR A 149 -6.67 35.42 0.51
C THR A 149 -5.47 34.73 1.12
N THR A 150 -5.55 34.30 2.38
CA THR A 150 -4.47 33.59 3.04
C THR A 150 -5.06 32.41 3.80
N GLY A 151 -4.43 31.25 3.68
CA GLY A 151 -4.83 30.09 4.44
C GLY A 151 -4.44 28.81 3.74
N ILE A 152 -4.56 27.72 4.49
CA ILE A 152 -4.28 26.38 3.98
C ILE A 152 -5.58 25.58 4.00
N VAL A 153 -5.91 24.96 2.87
CA VAL A 153 -7.18 24.28 2.68
C VAL A 153 -6.93 22.77 2.71
N LEU A 154 -7.63 22.07 3.59
CA LEU A 154 -7.61 20.61 3.62
C LEU A 154 -8.92 20.10 3.01
N ASP A 155 -8.83 19.56 1.80
CA ASP A 155 -9.98 19.09 1.06
C ASP A 155 -9.99 17.57 1.06
N SER A 156 -11.15 16.99 1.41
CA SER A 156 -11.29 15.54 1.47
C SER A 156 -12.71 15.18 1.01
N GLY A 157 -12.81 14.48 -0.11
CA GLY A 157 -14.09 14.04 -0.61
C GLY A 157 -14.23 12.54 -0.66
N ASP A 158 -14.38 11.98 -1.87
CA ASP A 158 -14.47 10.54 -2.04
C ASP A 158 -13.21 9.92 -2.61
N GLY A 159 -12.47 10.66 -3.43
CA GLY A 159 -11.29 10.11 -4.08
C GLY A 159 -9.97 10.33 -3.38
N VAL A 160 -9.64 11.59 -3.10
CA VAL A 160 -8.32 11.95 -2.60
C VAL A 160 -8.43 13.07 -1.57
N SER A 161 -7.37 13.23 -0.80
CA SER A 161 -7.22 14.34 0.14
C SER A 161 -5.98 15.13 -0.23
N HIS A 162 -6.11 16.47 -0.23
CA HIS A 162 -4.98 17.32 -0.59
C HIS A 162 -5.02 18.60 0.22
N THR A 163 -3.84 19.20 0.39
CA THR A 163 -3.69 20.46 1.10
C THR A 163 -2.98 21.47 0.20
N VAL A 164 -3.56 22.66 0.05
CA VAL A 164 -2.98 23.72 -0.75
C VAL A 164 -2.88 24.98 0.09
N PRO A 165 -1.68 25.49 0.36
CA PRO A 165 -1.55 26.78 1.05
C PRO A 165 -1.44 27.96 0.09
N ILE A 166 -2.09 29.06 0.46
CA ILE A 166 -2.04 30.30 -0.29
C ILE A 166 -1.78 31.44 0.70
N TYR A 167 -0.88 32.36 0.32
CA TYR A 167 -0.51 33.49 1.17
C TYR A 167 -0.66 34.78 0.37
N GLU A 168 -1.53 35.66 0.85
CA GLU A 168 -1.77 36.97 0.22
C GLU A 168 -2.11 36.84 -1.26
N GLY A 169 -2.80 35.77 -1.63
CA GLY A 169 -3.19 35.54 -3.01
C GLY A 169 -2.16 34.83 -3.86
N TYR A 170 -0.96 34.58 -3.33
CA TYR A 170 0.10 33.93 -4.08
C TYR A 170 0.14 32.45 -3.77
N ALA A 171 0.35 31.64 -4.79
CA ALA A 171 0.38 30.19 -4.65
C ALA A 171 1.77 29.71 -4.28
N LEU A 172 1.83 28.58 -3.57
CA LEU A 172 3.08 27.96 -3.13
C LEU A 172 3.07 26.53 -3.65
N PRO A 173 3.39 26.33 -4.94
CA PRO A 173 3.23 24.99 -5.54
C PRO A 173 4.10 23.92 -4.91
N HIS A 174 5.28 24.27 -4.40
CA HIS A 174 6.17 23.26 -3.83
C HIS A 174 5.66 22.72 -2.50
N ALA A 175 4.65 23.34 -1.90
CA ALA A 175 4.12 22.89 -0.62
C ALA A 175 2.82 22.12 -0.73
N ILE A 176 2.36 21.83 -1.95
CA ILE A 176 1.12 21.07 -2.13
C ILE A 176 1.38 19.60 -1.83
N MET A 177 0.54 19.00 -0.99
CA MET A 177 0.67 17.59 -0.62
C MET A 177 -0.62 16.85 -0.93
N ARG A 178 -0.48 15.57 -1.26
CA ARG A 178 -1.58 14.74 -1.71
C ARG A 178 -1.58 13.43 -0.92
N LEU A 179 -2.75 13.05 -0.39
CA LEU A 179 -2.91 11.82 0.36
C LEU A 179 -4.01 10.99 -0.29
N ASP A 180 -3.71 9.74 -0.61
CA ASP A 180 -4.65 8.84 -1.30
C ASP A 180 -5.50 8.07 -0.31
N LEU A 181 -6.29 8.81 0.48
CA LEU A 181 -7.16 8.24 1.48
C LEU A 181 -8.35 9.16 1.64
N ALA A 182 -9.54 8.66 1.32
CA ALA A 182 -10.74 9.49 1.30
C ALA A 182 -11.94 8.61 1.64
N GLY A 183 -13.14 9.10 1.33
CA GLY A 183 -14.36 8.47 1.82
C GLY A 183 -14.56 7.04 1.34
N ARG A 184 -14.15 6.74 0.11
CA ARG A 184 -14.33 5.39 -0.41
C ARG A 184 -13.48 4.39 0.36
N ASP A 185 -12.26 4.78 0.73
CA ASP A 185 -11.44 3.92 1.59
C ASP A 185 -12.12 3.68 2.93
N LEU A 186 -12.73 4.71 3.49
CA LEU A 186 -13.43 4.55 4.77
C LEU A 186 -14.64 3.63 4.62
N THR A 187 -15.38 3.73 3.51
CA THR A 187 -16.49 2.82 3.28
C THR A 187 -16.02 1.38 3.17
N GLU A 188 -14.91 1.16 2.45
CA GLU A 188 -14.37 -0.19 2.34
C GLU A 188 -13.91 -0.72 3.69
N TYR A 189 -13.27 0.13 4.51
CA TYR A 189 -12.83 -0.31 5.83
C TYR A 189 -14.01 -0.62 6.74
N MET A 190 -15.08 0.17 6.65
CA MET A 190 -16.29 -0.14 7.41
C MET A 190 -16.88 -1.47 6.97
N MET A 191 -16.89 -1.74 5.67
CA MET A 191 -17.31 -3.05 5.18
C MET A 191 -16.48 -4.16 5.78
N LYS A 192 -15.16 -3.98 5.80
CA LYS A 192 -14.27 -5.01 6.31
C LYS A 192 -14.50 -5.26 7.81
N ILE A 193 -14.67 -4.19 8.60
CA ILE A 193 -14.79 -4.38 10.04
C ILE A 193 -16.21 -4.72 10.49
N LEU A 194 -17.21 -4.56 9.61
CA LEU A 194 -18.54 -5.03 9.96
C LEU A 194 -18.66 -6.54 9.93
N HIS A 195 -17.69 -7.25 9.36
CA HIS A 195 -17.70 -8.70 9.39
C HIS A 195 -17.45 -9.27 10.77
N GLU A 196 -16.93 -8.46 11.70
CA GLU A 196 -16.68 -8.93 13.05
C GLU A 196 -17.97 -9.24 13.80
N ARG A 197 -19.05 -8.53 13.48
CA ARG A 197 -20.34 -8.73 14.11
C ARG A 197 -21.23 -9.70 13.36
N GLY A 198 -20.76 -10.26 12.25
CA GLY A 198 -21.54 -11.20 11.48
C GLY A 198 -22.36 -10.60 10.36
N TYR A 199 -22.19 -9.32 10.05
CA TYR A 199 -22.88 -8.70 8.94
C TYR A 199 -22.00 -8.75 7.70
N GLY A 200 -22.56 -9.25 6.61
CA GLY A 200 -21.80 -9.40 5.38
C GLY A 200 -22.33 -8.57 4.23
N PHE A 201 -21.52 -7.63 3.74
CA PHE A 201 -21.86 -6.80 2.60
C PHE A 201 -20.79 -6.95 1.54
N THR A 202 -21.19 -7.39 0.36
CA THR A 202 -20.24 -7.63 -0.71
C THR A 202 -20.59 -6.92 -2.02
N THR A 203 -21.89 -6.80 -2.34
CA THR A 203 -22.30 -6.30 -3.63
C THR A 203 -22.22 -4.77 -3.68
N SER A 204 -22.50 -4.21 -4.86
CA SER A 204 -22.44 -2.76 -5.06
C SER A 204 -23.55 -2.05 -4.28
N ALA A 205 -24.77 -2.57 -4.34
CA ALA A 205 -25.86 -1.97 -3.57
C ALA A 205 -25.60 -2.06 -2.08
N GLU A 206 -25.02 -3.18 -1.63
CA GLU A 206 -24.62 -3.30 -0.24
C GLU A 206 -23.51 -2.31 0.10
N LYS A 207 -22.63 -2.00 -0.86
CA LYS A 207 -21.65 -0.94 -0.66
C LYS A 207 -22.32 0.41 -0.43
N GLU A 208 -23.35 0.71 -1.21
CA GLU A 208 -24.09 1.96 -1.02
C GLU A 208 -24.76 2.00 0.35
N ILE A 209 -25.33 0.87 0.79
CA ILE A 209 -25.96 0.80 2.10
C ILE A 209 -24.92 1.04 3.20
N VAL A 210 -23.74 0.44 3.06
CA VAL A 210 -22.67 0.63 4.04
C VAL A 210 -22.23 2.09 4.09
N ARG A 211 -22.13 2.74 2.93
CA ARG A 211 -21.80 4.17 2.92
C ARG A 211 -22.85 4.98 3.64
N ASP A 212 -24.12 4.62 3.42
CA ASP A 212 -25.23 5.31 4.13
C ASP A 212 -24.99 5.16 5.63
N ILE A 213 -24.78 3.94 6.10
CA ILE A 213 -24.59 3.67 7.52
C ILE A 213 -23.44 4.51 8.07
N LYS A 214 -22.33 4.55 7.33
CA LYS A 214 -21.16 5.32 7.76
C LYS A 214 -21.50 6.80 7.89
N GLU A 215 -22.26 7.35 6.94
CA GLU A 215 -22.63 8.75 7.01
C GLU A 215 -23.52 9.02 8.21
N LYS A 216 -24.47 8.12 8.51
CA LYS A 216 -25.41 8.38 9.59
C LYS A 216 -24.91 8.06 10.99
N LEU A 217 -23.90 7.20 11.15
CA LEU A 217 -23.60 6.71 12.50
C LEU A 217 -22.19 6.97 13.01
N CYS A 218 -21.28 7.49 12.19
CA CYS A 218 -19.89 7.59 12.60
C CYS A 218 -19.55 8.95 13.18
N TYR A 219 -18.50 8.99 14.00
CA TYR A 219 -17.98 10.23 14.57
C TYR A 219 -16.51 10.04 14.90
N ILE A 220 -15.82 11.15 15.14
CA ILE A 220 -14.39 11.14 15.43
C ILE A 220 -14.19 11.34 16.93
N ALA A 221 -13.46 10.42 17.55
CA ALA A 221 -13.19 10.49 18.98
C ALA A 221 -12.11 11.51 19.29
N LEU A 222 -12.25 12.20 20.42
CA LEU A 222 -11.25 13.18 20.83
C LEU A 222 -9.94 12.49 21.22
N ASP A 223 -10.04 11.42 22.01
CA ASP A 223 -8.89 10.58 22.35
C ASP A 223 -9.28 9.14 22.02
N PHE A 224 -8.49 8.50 21.16
CA PHE A 224 -8.89 7.19 20.64
C PHE A 224 -8.77 6.09 21.68
N ASP A 225 -7.65 6.06 22.42
CA ASP A 225 -7.44 4.99 23.39
C ASP A 225 -8.44 5.06 24.53
N GLU A 226 -8.68 6.27 25.05
CA GLU A 226 -9.66 6.44 26.11
C GLU A 226 -11.06 6.06 25.65
N GLU A 227 -11.42 6.44 24.41
CA GLU A 227 -12.74 6.11 23.91
C GLU A 227 -12.89 4.62 23.70
N MET A 228 -11.84 3.95 23.23
CA MET A 228 -11.89 2.50 23.11
C MET A 228 -12.07 1.84 24.48
N LYS A 229 -11.34 2.33 25.49
CA LYS A 229 -11.50 1.79 26.83
C LYS A 229 -12.91 1.98 27.35
N ALA A 230 -13.48 3.18 27.13
CA ALA A 230 -14.84 3.44 27.59
C ALA A 230 -15.86 2.58 26.86
N ALA A 231 -15.65 2.35 25.56
CA ALA A 231 -16.54 1.49 24.81
C ALA A 231 -16.47 0.05 25.30
N GLU A 232 -15.29 -0.40 25.71
CA GLU A 232 -15.17 -1.77 26.22
C GLU A 232 -15.84 -1.95 27.58
N ASP A 233 -16.28 -0.88 28.24
CA ASP A 233 -16.80 -0.95 29.60
C ASP A 233 -18.28 -0.64 29.70
N SER A 234 -18.94 -0.27 28.61
CA SER A 234 -20.35 0.09 28.66
C SER A 234 -21.01 -0.32 27.35
N SER A 235 -22.26 0.11 27.16
CA SER A 235 -23.00 -0.21 25.94
C SER A 235 -23.82 0.98 25.43
N ASP A 236 -23.72 2.14 26.06
CA ASP A 236 -24.48 3.30 25.61
C ASP A 236 -24.01 3.83 24.27
N ILE A 237 -22.82 3.44 23.81
CA ILE A 237 -22.32 3.88 22.53
C ILE A 237 -23.06 3.17 21.39
N GLU A 238 -23.56 1.97 21.63
CA GLU A 238 -24.20 1.19 20.58
C GLU A 238 -25.44 1.89 20.03
N LYS A 239 -25.58 1.86 18.71
CA LYS A 239 -26.72 2.39 18.01
C LYS A 239 -27.21 1.37 16.99
N SER A 240 -28.47 1.50 16.59
CA SER A 240 -29.11 0.56 15.69
C SER A 240 -29.44 1.23 14.36
N TYR A 241 -29.44 0.42 13.30
CA TYR A 241 -29.73 0.86 11.95
C TYR A 241 -30.65 -0.15 11.30
N GLU A 242 -31.59 0.33 10.50
CA GLU A 242 -32.57 -0.53 9.84
C GLU A 242 -32.24 -0.65 8.35
N LEU A 243 -32.11 -1.88 7.88
CA LEU A 243 -31.80 -2.18 6.50
C LEU A 243 -33.05 -2.01 5.63
N PRO A 244 -32.88 -1.94 4.31
CA PRO A 244 -34.06 -1.79 3.43
C PRO A 244 -35.05 -2.94 3.53
N ASP A 245 -34.63 -4.13 3.97
CA ASP A 245 -35.51 -5.27 4.07
C ASP A 245 -36.08 -5.46 5.47
N GLY A 246 -35.81 -4.52 6.39
CA GLY A 246 -36.37 -4.56 7.72
C GLY A 246 -35.46 -5.12 8.79
N ASN A 247 -34.38 -5.79 8.43
CA ASN A 247 -33.46 -6.31 9.42
C ASN A 247 -32.70 -5.16 10.09
N ILE A 248 -32.22 -5.42 11.30
CA ILE A 248 -31.59 -4.41 12.14
C ILE A 248 -30.18 -4.84 12.49
N ILE A 249 -29.21 -3.96 12.29
CA ILE A 249 -27.83 -4.17 12.67
C ILE A 249 -27.47 -3.19 13.78
N THR A 250 -26.48 -3.58 14.59
CA THR A 250 -26.04 -2.77 15.72
C THR A 250 -24.53 -2.61 15.66
N VAL A 251 -24.06 -1.39 15.96
CA VAL A 251 -22.65 -1.05 15.85
C VAL A 251 -22.19 -0.41 17.16
N GLY A 252 -21.02 -0.84 17.63
CA GLY A 252 -20.45 -0.30 18.85
C GLY A 252 -19.28 0.64 18.60
N ASN A 253 -18.06 0.18 18.86
CA ASN A 253 -16.88 1.01 18.68
C ASN A 253 -16.52 1.22 17.21
N GLU A 254 -17.15 0.49 16.29
CA GLU A 254 -16.92 0.72 14.87
C GLU A 254 -17.25 2.16 14.48
N ARG A 255 -18.17 2.80 15.21
CA ARG A 255 -18.61 4.14 14.89
C ARG A 255 -17.44 5.13 14.88
N PHE A 256 -16.57 5.06 15.88
CA PHE A 256 -15.38 5.91 15.89
C PHE A 256 -14.14 5.20 15.38
N ARG A 257 -14.19 3.88 15.18
CA ARG A 257 -13.05 3.18 14.60
C ARG A 257 -12.94 3.39 13.10
N CYS A 258 -14.07 3.50 12.39
CA CYS A 258 -14.00 3.68 10.94
C CYS A 258 -13.32 4.99 10.53
N PRO A 259 -13.71 6.16 11.05
CA PRO A 259 -13.03 7.40 10.63
C PRO A 259 -11.65 7.60 11.23
N GLU A 260 -11.25 6.79 12.22
CA GLU A 260 -9.92 6.91 12.80
C GLU A 260 -8.82 6.62 11.77
N ALA A 261 -9.14 5.91 10.70
CA ALA A 261 -8.16 5.65 9.65
C ALA A 261 -7.72 6.92 8.93
N LEU A 262 -8.48 8.02 9.07
CA LEU A 262 -8.02 9.30 8.55
C LEU A 262 -6.77 9.78 9.27
N PHE A 263 -6.72 9.57 10.59
CA PHE A 263 -5.57 9.98 11.40
C PHE A 263 -4.56 8.87 11.61
N GLN A 264 -4.94 7.61 11.41
CA GLN A 264 -4.03 6.47 11.53
C GLN A 264 -4.17 5.62 10.27
N PRO A 265 -3.52 6.02 9.17
CA PRO A 265 -3.65 5.26 7.91
C PRO A 265 -3.12 3.84 7.99
N SER A 266 -2.40 3.47 9.05
CA SER A 266 -1.94 2.09 9.21
C SER A 266 -3.09 1.12 9.44
N PHE A 267 -4.27 1.62 9.78
CA PHE A 267 -5.44 0.74 9.91
C PHE A 267 -5.79 0.10 8.57
N LEU A 268 -5.52 0.79 7.46
CA LEU A 268 -5.76 0.28 6.12
C LEU A 268 -4.55 -0.43 5.54
N GLY A 269 -3.49 -0.63 6.32
CA GLY A 269 -2.27 -1.17 5.78
C GLY A 269 -1.47 -0.21 4.94
N LYS A 270 -1.67 1.09 5.12
CA LYS A 270 -1.02 2.10 4.30
C LYS A 270 0.13 2.74 5.07
N GLU A 271 1.28 2.86 4.42
CA GLU A 271 2.45 3.52 4.99
C GLU A 271 2.38 5.00 4.61
N ALA A 272 1.63 5.76 5.40
CA ALA A 272 1.42 7.17 5.12
C ALA A 272 1.02 7.88 6.40
N ALA A 273 1.15 9.20 6.38
CA ALA A 273 0.79 10.02 7.52
C ALA A 273 -0.67 10.46 7.43
N GLY A 274 -1.26 10.74 8.58
CA GLY A 274 -2.63 11.18 8.65
C GLY A 274 -2.81 12.59 8.12
N VAL A 275 -4.07 13.04 8.13
CA VAL A 275 -4.38 14.35 7.58
C VAL A 275 -3.75 15.45 8.41
N HIS A 276 -3.68 15.27 9.74
CA HIS A 276 -3.03 16.26 10.58
C HIS A 276 -1.55 16.40 10.24
N ARG A 277 -0.87 15.27 10.06
CA ARG A 277 0.55 15.31 9.72
C ARG A 277 0.76 15.83 8.30
N THR A 278 -0.17 15.52 7.39
CA THR A 278 -0.09 16.07 6.04
C THR A 278 -0.20 17.59 6.05
N THR A 279 -1.16 18.12 6.82
CA THR A 279 -1.31 19.57 6.92
C THR A 279 -0.09 20.21 7.56
N PHE A 280 0.44 19.61 8.64
CA PHE A 280 1.61 20.15 9.29
C PHE A 280 2.82 20.14 8.36
N ASP A 281 3.00 19.06 7.61
CA ASP A 281 4.12 18.98 6.69
C ASP A 281 4.00 20.02 5.57
N SER A 282 2.76 20.24 5.10
CA SER A 282 2.55 21.28 4.09
C SER A 282 2.89 22.66 4.65
N ILE A 283 2.51 22.93 5.90
CA ILE A 283 2.83 24.21 6.51
C ILE A 283 4.34 24.37 6.68
N MET A 284 5.02 23.30 7.08
CA MET A 284 6.46 23.37 7.33
C MET A 284 7.29 23.46 6.06
N LYS A 285 6.68 23.27 4.88
CA LYS A 285 7.38 23.41 3.62
C LYS A 285 7.31 24.82 3.06
N CYS A 286 6.69 25.74 3.78
CA CYS A 286 6.60 27.14 3.36
C CYS A 286 7.67 27.96 4.09
N ASP A 287 7.74 29.24 3.71
CA ASP A 287 8.68 30.14 4.36
C ASP A 287 8.28 30.40 5.81
N VAL A 288 9.29 30.73 6.62
CA VAL A 288 9.08 30.92 8.05
C VAL A 288 8.09 32.05 8.32
N ASP A 289 8.00 33.02 7.40
CA ASP A 289 7.17 34.20 7.61
C ASP A 289 5.70 34.00 7.22
N ILE A 290 5.31 32.79 6.81
CA ILE A 290 3.96 32.55 6.30
C ILE A 290 3.22 31.63 7.28
N ARG A 291 3.99 30.91 8.10
CA ARG A 291 3.44 29.84 8.91
C ARG A 291 2.44 30.33 9.94
N LYS A 292 2.66 31.51 10.52
CA LYS A 292 1.72 32.03 11.52
C LYS A 292 0.32 32.18 10.92
N ASP A 293 0.23 32.82 9.76
CA ASP A 293 -1.06 32.99 9.10
C ASP A 293 -1.64 31.65 8.67
N LEU A 294 -0.79 30.74 8.17
CA LEU A 294 -1.30 29.42 7.79
C LEU A 294 -1.90 28.69 8.99
N TYR A 295 -1.24 28.74 10.14
CA TYR A 295 -1.81 28.17 11.36
C TYR A 295 -3.12 28.86 11.72
N GLY A 296 -3.20 30.17 11.47
CA GLY A 296 -4.40 30.92 11.82
C GLY A 296 -5.59 30.68 10.93
N ASN A 297 -5.40 30.13 9.73
CA ASN A 297 -6.50 30.01 8.77
C ASN A 297 -6.57 28.62 8.15
N VAL A 298 -6.57 27.57 8.97
CA VAL A 298 -6.79 26.21 8.46
C VAL A 298 -8.27 26.04 8.13
N VAL A 299 -8.56 25.70 6.88
CA VAL A 299 -9.94 25.66 6.36
C VAL A 299 -10.25 24.24 5.89
N LEU A 300 -11.39 23.72 6.30
CA LEU A 300 -11.86 22.39 5.92
C LEU A 300 -12.83 22.48 4.74
N SER A 301 -12.79 21.48 3.88
CA SER A 301 -13.66 21.42 2.71
C SER A 301 -13.84 19.97 2.29
N GLY A 302 -15.02 19.66 1.78
CA GLY A 302 -15.34 18.35 1.28
C GLY A 302 -16.28 17.58 2.20
N GLY A 303 -16.75 16.45 1.68
CA GLY A 303 -17.71 15.64 2.43
C GLY A 303 -17.10 14.81 3.52
N THR A 304 -15.84 14.40 3.38
CA THR A 304 -15.18 13.61 4.41
C THR A 304 -14.80 14.44 5.63
N THR A 305 -14.90 15.76 5.56
CA THR A 305 -14.67 16.62 6.71
C THR A 305 -15.96 16.92 7.47
N MET A 306 -17.04 16.21 7.20
CA MET A 306 -18.34 16.46 7.83
C MET A 306 -18.57 15.60 9.06
N TYR A 307 -17.59 14.83 9.50
CA TYR A 307 -17.74 14.04 10.71
C TYR A 307 -17.85 14.95 11.93
N GLU A 308 -18.57 14.46 12.94
CA GLU A 308 -18.71 15.21 14.18
C GLU A 308 -17.43 15.11 15.00
N GLY A 309 -16.94 16.25 15.46
CA GLY A 309 -15.72 16.30 16.25
C GLY A 309 -14.43 16.33 15.47
N ILE A 310 -14.47 16.53 14.15
CA ILE A 310 -13.25 16.54 13.36
C ILE A 310 -12.43 17.79 13.66
N GLY A 311 -13.09 18.94 13.84
CA GLY A 311 -12.36 20.16 14.10
C GLY A 311 -11.59 20.13 15.40
N GLU A 312 -12.22 19.60 16.46
CA GLU A 312 -11.55 19.50 17.76
C GLU A 312 -10.33 18.60 17.68
N ARG A 313 -10.47 17.45 17.00
CA ARG A 313 -9.35 16.52 16.88
C ARG A 313 -8.22 17.13 16.06
N LEU A 314 -8.55 17.79 14.95
CA LEU A 314 -7.52 18.43 14.14
C LEU A 314 -6.81 19.53 14.91
N THR A 315 -7.58 20.32 15.69
CA THR A 315 -6.97 21.37 16.50
C THR A 315 -6.04 20.78 17.55
N LYS A 316 -6.44 19.68 18.20
CA LYS A 316 -5.59 19.06 19.20
C LYS A 316 -4.29 18.54 18.57
N GLU A 317 -4.39 17.87 17.43
CA GLU A 317 -3.20 17.33 16.78
C GLU A 317 -2.26 18.44 16.33
N LEU A 318 -2.81 19.51 15.73
CA LEU A 318 -1.96 20.61 15.28
C LEU A 318 -1.34 21.36 16.45
N THR A 319 -2.09 21.50 17.55
CA THR A 319 -1.51 22.11 18.75
C THR A 319 -0.37 21.27 19.29
N SER A 320 -0.51 19.94 19.25
CA SER A 320 0.58 19.07 19.67
C SER A 320 1.81 19.23 18.77
N LEU A 321 1.60 19.38 17.47
CA LEU A 321 2.73 19.45 16.54
C LEU A 321 3.36 20.84 16.45
N ALA A 322 2.61 21.90 16.66
CA ALA A 322 3.08 23.26 16.47
C ALA A 322 3.70 23.83 17.76
N PRO A 323 4.50 24.89 17.65
CA PRO A 323 5.01 25.53 18.86
C PRO A 323 3.90 26.11 19.72
N SER A 324 4.15 26.17 21.03
CA SER A 324 3.12 26.51 22.00
C SER A 324 2.63 27.95 21.88
N THR A 325 3.39 28.82 21.24
CA THR A 325 2.99 30.21 21.11
C THR A 325 2.02 30.44 19.96
N MET A 326 2.07 29.59 18.93
CA MET A 326 1.18 29.76 17.77
C MET A 326 -0.27 29.50 18.16
N LYS A 327 -1.16 30.25 17.52
CA LYS A 327 -2.60 30.06 17.67
C LYS A 327 -3.12 29.28 16.47
N ILE A 328 -3.70 28.11 16.74
CA ILE A 328 -4.26 27.26 15.70
C ILE A 328 -5.77 27.49 15.66
N LYS A 329 -6.27 27.87 14.49
CA LYS A 329 -7.71 28.06 14.29
C LYS A 329 -8.15 27.24 13.08
N VAL A 330 -9.15 26.41 13.28
CA VAL A 330 -9.70 25.56 12.22
C VAL A 330 -11.11 26.02 11.91
N VAL A 331 -11.37 26.32 10.65
CA VAL A 331 -12.67 26.82 10.20
C VAL A 331 -13.42 25.68 9.53
N ALA A 332 -14.66 25.44 9.99
CA ALA A 332 -15.51 24.39 9.45
C ALA A 332 -16.85 24.99 9.06
N PRO A 333 -16.97 25.52 7.85
CA PRO A 333 -18.23 26.10 7.40
C PRO A 333 -19.34 25.05 7.39
N PRO A 334 -20.57 25.43 7.71
CA PRO A 334 -21.67 24.47 7.65
C PRO A 334 -21.92 23.91 6.27
N GLU A 335 -21.68 24.71 5.22
CA GLU A 335 -21.92 24.30 3.84
C GLU A 335 -20.64 23.86 3.14
N ARG A 336 -19.65 23.37 3.88
CA ARG A 336 -18.36 23.04 3.30
C ARG A 336 -18.42 21.87 2.33
N LYS A 337 -19.53 21.14 2.28
CA LYS A 337 -19.71 20.12 1.26
C LYS A 337 -19.90 20.72 -0.13
N TYR A 338 -20.16 22.02 -0.24
CA TYR A 338 -20.37 22.67 -1.53
C TYR A 338 -19.45 23.88 -1.73
N SER A 339 -18.35 23.95 -0.98
CA SER A 339 -17.48 25.12 -1.06
C SER A 339 -16.80 25.22 -2.43
N VAL A 340 -16.43 24.08 -3.01
CA VAL A 340 -15.77 24.11 -4.31
C VAL A 340 -16.70 24.68 -5.37
N TRP A 341 -17.96 24.24 -5.39
CA TRP A 341 -18.90 24.76 -6.37
C TRP A 341 -19.16 26.26 -6.17
N ILE A 342 -19.33 26.70 -4.93
CA ILE A 342 -19.59 28.10 -4.65
C ILE A 342 -18.40 28.95 -5.07
N GLY A 343 -17.18 28.49 -4.77
CA GLY A 343 -16.00 29.22 -5.19
C GLY A 343 -15.85 29.26 -6.70
N GLY A 344 -16.19 28.16 -7.38
CA GLY A 344 -16.15 28.17 -8.84
C GLY A 344 -17.15 29.15 -9.42
N SER A 345 -18.34 29.21 -8.85
CA SER A 345 -19.34 30.19 -9.30
C SER A 345 -18.83 31.61 -9.10
N ILE A 346 -18.24 31.89 -7.93
CA ILE A 346 -17.69 33.22 -7.66
C ILE A 346 -16.60 33.55 -8.68
N LEU A 347 -15.68 32.62 -8.92
CA LEU A 347 -14.56 32.87 -9.82
C LEU A 347 -15.05 33.11 -11.25
N SER A 348 -16.00 32.29 -11.71
CA SER A 348 -16.51 32.43 -13.07
C SER A 348 -17.42 33.64 -13.22
N SER A 349 -17.87 34.25 -12.12
CA SER A 349 -18.70 35.44 -12.20
C SER A 349 -17.89 36.74 -12.17
N LEU A 350 -16.57 36.67 -12.10
CA LEU A 350 -15.74 37.87 -11.97
C LEU A 350 -15.46 38.49 -13.33
N SER A 351 -15.44 39.83 -13.37
CA SER A 351 -15.18 40.53 -14.62
C SER A 351 -13.76 40.31 -15.12
N THR A 352 -12.79 40.20 -14.21
CA THR A 352 -11.41 39.99 -14.60
C THR A 352 -11.14 38.58 -15.11
N PHE A 353 -11.99 37.62 -14.76
CA PHE A 353 -11.78 36.23 -15.18
C PHE A 353 -12.16 35.99 -16.63
N GLN A 354 -12.92 36.90 -17.25
CA GLN A 354 -13.45 36.65 -18.58
C GLN A 354 -12.39 36.63 -19.67
N GLN A 355 -11.14 36.97 -19.36
CA GLN A 355 -10.06 36.84 -20.32
C GLN A 355 -9.28 35.54 -20.17
N MET A 356 -9.58 34.74 -19.14
CA MET A 356 -8.85 33.51 -18.89
C MET A 356 -9.46 32.29 -19.56
N TRP A 357 -10.64 32.42 -20.17
CA TRP A 357 -11.28 31.29 -20.83
C TRP A 357 -10.41 30.78 -21.98
N ILE A 358 -10.39 29.46 -22.14
CA ILE A 358 -9.81 28.84 -23.33
C ILE A 358 -10.90 28.78 -24.38
N THR A 359 -10.81 29.64 -25.39
CA THR A 359 -11.86 29.73 -26.39
C THR A 359 -11.67 28.64 -27.45
N LYS A 360 -12.69 28.50 -28.31
CA LYS A 360 -12.65 27.49 -29.34
C LYS A 360 -11.61 27.81 -30.41
N GLU A 361 -11.33 29.10 -30.64
CA GLU A 361 -10.32 29.47 -31.63
C GLU A 361 -8.93 29.00 -31.19
N GLU A 362 -8.56 29.26 -29.93
CA GLU A 362 -7.26 28.81 -29.44
C GLU A 362 -7.16 27.29 -29.46
N TYR A 363 -8.26 26.60 -29.15
CA TYR A 363 -8.25 25.15 -29.22
C TYR A 363 -8.02 24.68 -30.64
N ASP A 364 -8.76 25.24 -31.60
CA ASP A 364 -8.57 24.85 -33.00
C ASP A 364 -7.15 25.15 -33.47
N GLU A 365 -6.53 26.17 -32.90
CA GLU A 365 -5.16 26.50 -33.28
C GLU A 365 -4.13 25.55 -32.66
N SER A 366 -4.34 25.13 -31.41
CA SER A 366 -3.26 24.52 -30.65
C SER A 366 -3.48 23.07 -30.23
N GLY A 367 -4.68 22.52 -30.39
CA GLY A 367 -4.95 21.18 -29.94
C GLY A 367 -5.21 21.11 -28.45
N PRO A 368 -5.43 19.91 -27.92
CA PRO A 368 -5.73 19.77 -26.49
C PRO A 368 -4.59 20.19 -25.56
N SER A 369 -3.38 20.36 -26.09
CA SER A 369 -2.25 20.77 -25.25
C SER A 369 -2.38 22.21 -24.76
N ILE A 370 -3.33 22.98 -25.29
CA ILE A 370 -3.50 24.37 -24.89
C ILE A 370 -3.83 24.48 -23.40
N VAL A 371 -4.48 23.47 -22.84
CA VAL A 371 -4.92 23.53 -21.45
C VAL A 371 -3.75 23.63 -20.49
N HIS A 372 -2.58 23.15 -20.90
CA HIS A 372 -1.42 23.15 -20.00
C HIS A 372 -0.83 24.55 -19.86
N ARG A 373 -0.85 25.35 -20.92
CA ARG A 373 -0.25 26.68 -20.88
C ARG A 373 -1.27 27.77 -20.54
N LYS A 374 -2.51 27.41 -20.27
CA LYS A 374 -3.53 28.40 -19.91
C LYS A 374 -4.12 28.19 -18.52
N CYS A 375 -4.25 26.96 -18.06
CA CYS A 375 -4.75 26.66 -16.73
C CYS A 375 -3.61 26.14 -15.88
N PHE A 376 -3.29 26.85 -14.80
CA PHE A 376 -2.17 26.49 -13.95
C PHE A 376 -2.23 27.26 -12.63
N VAL B 6 3.61 -35.11 26.43
CA VAL B 6 2.19 -35.05 26.12
C VAL B 6 1.97 -34.42 24.76
N GLN B 7 1.37 -35.18 23.84
CA GLN B 7 1.09 -34.68 22.51
C GLN B 7 -0.27 -33.99 22.49
N ALA B 8 -0.39 -33.00 21.60
CA ALA B 8 -1.63 -32.26 21.44
C ALA B 8 -2.55 -32.95 20.44
N LEU B 9 -3.83 -32.65 20.55
CA LEU B 9 -4.82 -33.09 19.58
C LEU B 9 -5.07 -31.98 18.56
N VAL B 10 -5.13 -32.34 17.29
CA VAL B 10 -5.38 -31.41 16.21
C VAL B 10 -6.74 -31.75 15.61
N VAL B 11 -7.66 -30.79 15.65
CA VAL B 11 -9.00 -30.96 15.11
C VAL B 11 -9.24 -29.86 14.07
N ASP B 12 -9.54 -30.27 12.85
CA ASP B 12 -9.88 -29.34 11.77
C ASP B 12 -11.39 -29.43 11.56
N ASN B 13 -12.11 -28.42 12.04
CA ASN B 13 -13.57 -28.39 11.94
C ASN B 13 -13.95 -27.68 10.65
N GLY B 14 -13.98 -28.44 9.56
CA GLY B 14 -14.46 -27.91 8.31
C GLY B 14 -15.98 -27.88 8.24
N SER B 15 -16.48 -27.20 7.22
CA SER B 15 -17.92 -27.17 7.00
C SER B 15 -18.47 -28.53 6.57
N GLY B 16 -17.68 -29.31 5.87
CA GLY B 16 -18.13 -30.60 5.37
C GLY B 16 -17.69 -31.80 6.20
N ASN B 17 -16.41 -31.83 6.59
CA ASN B 17 -15.83 -32.98 7.24
C ASN B 17 -15.04 -32.55 8.48
N VAL B 18 -14.81 -33.51 9.37
CA VAL B 18 -13.98 -33.33 10.54
C VAL B 18 -12.71 -34.16 10.36
N LYS B 19 -11.55 -33.52 10.48
CA LYS B 19 -10.27 -34.20 10.48
C LYS B 19 -9.66 -34.05 11.87
N ALA B 20 -9.44 -35.17 12.55
CA ALA B 20 -8.93 -35.16 13.91
C ALA B 20 -7.80 -36.18 14.03
N GLY B 21 -6.90 -35.92 14.97
CA GLY B 21 -5.77 -36.81 15.17
C GLY B 21 -4.87 -36.29 16.27
N VAL B 22 -3.72 -36.93 16.38
CA VAL B 22 -2.72 -36.61 17.40
C VAL B 22 -1.53 -35.95 16.71
N ALA B 23 -1.02 -34.89 17.33
CA ALA B 23 0.12 -34.17 16.77
C ALA B 23 1.32 -35.10 16.63
N GLY B 24 2.04 -34.96 15.51
CA GLY B 24 3.16 -35.80 15.19
C GLY B 24 2.86 -36.89 14.20
N ASP B 25 1.58 -37.21 13.98
CA ASP B 25 1.19 -38.21 13.00
C ASP B 25 1.28 -37.63 11.59
N ASP B 26 1.50 -38.52 10.61
CA ASP B 26 1.64 -38.09 9.23
C ASP B 26 0.31 -37.70 8.61
N ALA B 27 -0.78 -38.31 9.05
CA ALA B 27 -2.11 -38.07 8.50
C ALA B 27 -3.11 -38.09 9.63
N PRO B 28 -4.26 -37.44 9.46
CA PRO B 28 -5.33 -37.57 10.45
C PRO B 28 -5.87 -39.00 10.48
N ARG B 29 -6.28 -39.42 11.67
CA ARG B 29 -6.75 -40.78 11.87
C ARG B 29 -8.26 -40.90 11.97
N ALA B 30 -8.99 -39.78 11.92
CA ALA B 30 -10.45 -39.78 11.99
C ALA B 30 -10.97 -38.74 11.01
N VAL B 31 -11.56 -39.20 9.91
CA VAL B 31 -12.15 -38.32 8.90
C VAL B 31 -13.56 -38.81 8.65
N PHE B 32 -14.54 -38.06 9.14
CA PHE B 32 -15.94 -38.42 9.03
C PHE B 32 -16.76 -37.18 8.68
N PRO B 33 -17.90 -37.35 8.02
CA PRO B 33 -18.75 -36.20 7.69
C PRO B 33 -19.28 -35.50 8.94
N SER B 34 -19.43 -34.19 8.84
CA SER B 34 -19.86 -33.35 9.96
C SER B 34 -21.37 -33.14 9.88
N ILE B 35 -22.11 -34.22 10.13
CA ILE B 35 -23.56 -34.22 10.00
C ILE B 35 -24.19 -34.78 11.26
N VAL B 36 -25.43 -34.36 11.52
CA VAL B 36 -26.27 -34.92 12.56
C VAL B 36 -27.61 -35.27 11.93
N GLY B 37 -28.07 -36.49 12.14
CA GLY B 37 -29.31 -36.98 11.56
C GLY B 37 -30.32 -37.36 12.62
N LYS B 38 -31.60 -37.10 12.32
CA LYS B 38 -32.69 -37.43 13.23
C LYS B 38 -33.78 -38.19 12.48
N PRO B 39 -34.34 -39.23 13.10
CA PRO B 39 -35.34 -40.04 12.40
C PRO B 39 -36.60 -39.25 12.06
N LYS B 40 -37.08 -39.43 10.83
CA LYS B 40 -38.31 -38.76 10.40
C LYS B 40 -39.51 -39.28 11.19
N ASN B 41 -39.60 -40.58 11.37
CA ASN B 41 -40.66 -41.19 12.16
C ASN B 41 -40.06 -41.72 13.46
N PRO B 42 -40.18 -40.99 14.56
CA PRO B 42 -39.57 -41.45 15.82
C PRO B 42 -40.30 -42.64 16.42
N GLY B 43 -40.06 -43.82 15.88
CA GLY B 43 -40.64 -45.04 16.40
C GLY B 43 -39.93 -46.26 15.86
N ILE B 44 -39.54 -47.18 16.74
CA ILE B 44 -38.74 -48.33 16.37
C ILE B 44 -39.39 -49.59 16.94
N MET B 45 -39.03 -50.73 16.36
CA MET B 45 -39.57 -52.00 16.79
C MET B 45 -39.19 -52.28 18.24
N VAL B 46 -40.13 -52.88 18.98
CA VAL B 46 -39.90 -53.15 20.40
C VAL B 46 -38.70 -54.07 20.57
N GLY B 47 -37.83 -53.72 21.52
CA GLY B 47 -36.61 -54.44 21.77
C GLY B 47 -35.38 -53.85 21.11
N MET B 48 -35.55 -52.95 20.16
CA MET B 48 -34.44 -52.30 19.49
C MET B 48 -34.05 -51.04 20.23
N GLU B 49 -32.76 -50.71 20.18
CA GLU B 49 -32.24 -49.51 20.83
C GLU B 49 -32.54 -48.30 19.95
N GLU B 50 -33.24 -47.32 20.50
CA GLU B 50 -33.63 -46.11 19.78
C GLU B 50 -32.73 -44.96 20.21
N LYS B 51 -32.13 -44.30 19.22
CA LYS B 51 -31.23 -43.17 19.46
C LYS B 51 -31.90 -41.88 18.98
N ASP B 52 -31.76 -40.82 19.77
CA ASP B 52 -32.37 -39.54 19.41
C ASP B 52 -31.75 -38.98 18.14
N CYS B 53 -30.44 -39.12 17.99
CA CYS B 53 -29.75 -38.57 16.83
C CYS B 53 -28.56 -39.44 16.49
N TYR B 54 -28.08 -39.30 15.26
CA TYR B 54 -26.92 -40.02 14.77
C TYR B 54 -25.89 -39.02 14.26
N VAL B 55 -24.61 -39.33 14.49
CA VAL B 55 -23.53 -38.42 14.15
C VAL B 55 -22.54 -39.15 13.26
N GLY B 56 -22.14 -38.50 12.16
CA GLY B 56 -21.04 -38.97 11.34
C GLY B 56 -21.34 -40.09 10.37
N ASP B 57 -20.42 -41.07 10.31
CA ASP B 57 -20.58 -42.18 9.40
C ASP B 57 -21.85 -42.98 9.69
N GLU B 58 -22.22 -43.10 10.96
CA GLU B 58 -23.45 -43.81 11.30
C GLU B 58 -24.67 -43.08 10.75
N ALA B 59 -24.68 -41.75 10.84
CA ALA B 59 -25.77 -40.98 10.24
C ALA B 59 -25.77 -41.12 8.72
N GLN B 60 -24.58 -41.17 8.12
CA GLN B 60 -24.49 -41.33 6.67
C GLN B 60 -24.95 -42.72 6.22
N SER B 61 -24.82 -43.72 7.08
CA SER B 61 -25.12 -45.09 6.67
C SER B 61 -26.61 -45.36 6.62
N LYS B 62 -27.39 -44.77 7.50
CA LYS B 62 -28.84 -44.94 7.51
C LYS B 62 -29.57 -43.64 7.22
N ARG B 63 -29.08 -42.90 6.24
CA ARG B 63 -29.67 -41.63 5.84
C ARG B 63 -31.05 -41.79 5.22
N GLY B 64 -31.45 -43.01 4.85
CA GLY B 64 -32.73 -43.19 4.20
C GLY B 64 -33.92 -42.89 5.08
N ILE B 65 -33.74 -42.99 6.39
CA ILE B 65 -34.81 -42.73 7.36
C ILE B 65 -34.46 -41.55 8.27
N LEU B 66 -33.46 -40.76 7.90
CA LEU B 66 -33.01 -39.63 8.72
C LEU B 66 -33.14 -38.34 7.93
N THR B 67 -33.24 -37.24 8.67
CA THR B 67 -33.08 -35.90 8.11
C THR B 67 -31.73 -35.38 8.57
N LEU B 68 -30.86 -35.04 7.62
CA LEU B 68 -29.49 -34.67 7.90
C LEU B 68 -29.34 -33.15 7.98
N LYS B 69 -28.55 -32.69 8.95
CA LYS B 69 -28.29 -31.27 9.15
C LYS B 69 -26.80 -31.04 9.28
N TYR B 70 -26.34 -29.90 8.74
CA TYR B 70 -24.97 -29.46 8.93
C TYR B 70 -24.94 -28.37 9.98
N PRO B 71 -24.20 -28.53 11.08
CA PRO B 71 -24.13 -27.46 12.07
C PRO B 71 -23.21 -26.30 11.69
N ILE B 72 -22.54 -26.35 10.54
CA ILE B 72 -21.67 -25.28 10.08
C ILE B 72 -22.02 -24.93 8.64
N GLU B 73 -22.23 -23.64 8.38
CA GLU B 73 -22.40 -23.11 7.03
C GLU B 73 -21.46 -21.95 6.82
N HIS B 74 -20.68 -21.99 5.73
CA HIS B 74 -19.75 -20.93 5.36
C HIS B 74 -18.75 -20.65 6.48
N GLY B 75 -18.31 -21.71 7.16
CA GLY B 75 -17.33 -21.58 8.21
C GLY B 75 -17.86 -21.05 9.53
N ILE B 76 -19.16 -20.82 9.65
CA ILE B 76 -19.77 -20.26 10.85
C ILE B 76 -20.69 -21.31 11.45
N VAL B 77 -20.52 -21.59 12.74
CA VAL B 77 -21.37 -22.55 13.43
C VAL B 77 -22.76 -21.95 13.62
N THR B 78 -23.77 -22.67 13.14
CA THR B 78 -25.15 -22.19 13.20
C THR B 78 -26.01 -22.95 14.21
N ASN B 79 -25.52 -24.05 14.77
CA ASN B 79 -26.27 -24.83 15.75
C ASN B 79 -25.27 -25.37 16.76
N TRP B 80 -25.24 -24.75 17.95
CA TRP B 80 -24.18 -25.06 18.90
C TRP B 80 -24.42 -26.38 19.63
N ASP B 81 -25.68 -26.79 19.82
CA ASP B 81 -25.93 -28.10 20.41
C ASP B 81 -25.43 -29.22 19.50
N ASP B 82 -25.70 -29.11 18.20
CA ASP B 82 -25.23 -30.12 17.26
C ASP B 82 -23.70 -30.10 17.14
N MET B 83 -23.10 -28.91 17.20
CA MET B 83 -21.65 -28.82 17.20
C MET B 83 -21.05 -29.48 18.43
N GLU B 84 -21.68 -29.29 19.59
CA GLU B 84 -21.21 -29.93 20.81
C GLU B 84 -21.34 -31.46 20.71
N LYS B 85 -22.43 -31.93 20.12
CA LYS B 85 -22.60 -33.37 19.93
C LYS B 85 -21.53 -33.93 18.99
N ILE B 86 -21.21 -33.19 17.92
CA ILE B 86 -20.18 -33.62 16.99
C ILE B 86 -18.81 -33.66 17.67
N TRP B 87 -18.50 -32.65 18.49
CA TRP B 87 -17.22 -32.65 19.19
C TRP B 87 -17.15 -33.79 20.20
N HIS B 88 -18.25 -34.07 20.90
CA HIS B 88 -18.28 -35.20 21.82
C HIS B 88 -18.04 -36.51 21.10
N HIS B 89 -18.69 -36.69 19.94
CA HIS B 89 -18.44 -37.87 19.12
C HIS B 89 -16.96 -37.96 18.74
N THR B 90 -16.41 -36.85 18.24
CA THR B 90 -15.00 -36.83 17.83
C THR B 90 -14.08 -37.27 18.96
N PHE B 91 -14.31 -36.74 20.17
CA PHE B 91 -13.39 -37.04 21.27
C PHE B 91 -13.57 -38.44 21.81
N TYR B 92 -14.81 -38.92 21.91
CA TYR B 92 -15.05 -40.14 22.68
C TYR B 92 -15.25 -41.40 21.85
N ASN B 93 -15.71 -41.30 20.60
CA ASN B 93 -15.93 -42.48 19.79
C ASN B 93 -14.94 -42.63 18.66
N GLU B 94 -14.36 -41.54 18.17
CA GLU B 94 -13.42 -41.61 17.05
C GLU B 94 -11.97 -41.66 17.56
N LEU B 95 -11.54 -40.63 18.29
CA LEU B 95 -10.19 -40.62 18.82
C LEU B 95 -10.06 -41.52 20.05
N ARG B 96 -11.12 -41.63 20.84
CA ARG B 96 -11.14 -42.45 22.05
C ARG B 96 -10.06 -42.00 23.04
N VAL B 97 -10.11 -40.73 23.38
CA VAL B 97 -9.17 -40.11 24.31
C VAL B 97 -9.96 -39.32 25.35
N ALA B 98 -9.25 -38.82 26.35
CA ALA B 98 -9.83 -37.93 27.34
C ALA B 98 -9.38 -36.51 27.04
N PRO B 99 -10.27 -35.61 26.61
CA PRO B 99 -9.82 -34.26 26.22
C PRO B 99 -9.25 -33.45 27.38
N GLU B 100 -9.49 -33.84 28.62
CA GLU B 100 -8.97 -33.10 29.77
C GLU B 100 -7.47 -33.33 29.98
N GLU B 101 -6.85 -34.21 29.21
CA GLU B 101 -5.42 -34.48 29.34
C GLU B 101 -4.58 -33.93 28.20
N HIS B 102 -5.19 -33.56 27.07
CA HIS B 102 -4.45 -33.08 25.92
C HIS B 102 -4.84 -31.65 25.58
N PRO B 103 -3.87 -30.80 25.24
CA PRO B 103 -4.21 -29.53 24.61
C PRO B 103 -4.76 -29.75 23.20
N VAL B 104 -5.62 -28.84 22.77
CA VAL B 104 -6.36 -28.99 21.52
C VAL B 104 -6.06 -27.80 20.62
N LEU B 105 -5.66 -28.08 19.38
CA LEU B 105 -5.48 -27.05 18.36
C LEU B 105 -6.69 -27.08 17.43
N LEU B 106 -7.37 -25.94 17.33
CA LEU B 106 -8.53 -25.78 16.46
C LEU B 106 -8.18 -24.88 15.29
N THR B 107 -9.05 -24.88 14.28
CA THR B 107 -8.86 -24.10 13.06
C THR B 107 -10.10 -23.27 12.79
N GLU B 108 -9.90 -22.16 12.07
CA GLU B 108 -10.99 -21.29 11.68
C GLU B 108 -10.62 -20.57 10.39
N ALA B 109 -11.64 -20.10 9.67
CA ALA B 109 -11.47 -19.33 8.45
C ALA B 109 -11.26 -17.85 8.78
N PRO B 110 -10.47 -17.14 7.97
CA PRO B 110 -10.23 -15.72 8.26
C PRO B 110 -11.47 -14.88 8.02
N LEU B 111 -11.51 -13.74 8.72
CA LEU B 111 -12.61 -12.77 8.62
C LEU B 111 -13.94 -13.34 9.10
N ASN B 112 -13.88 -14.22 10.09
CA ASN B 112 -15.06 -14.76 10.74
C ASN B 112 -15.52 -13.84 11.87
N PRO B 113 -16.78 -13.94 12.28
CA PRO B 113 -17.23 -13.16 13.45
C PRO B 113 -16.54 -13.60 14.73
N LYS B 114 -16.44 -12.66 15.67
CA LYS B 114 -15.71 -12.90 16.91
C LYS B 114 -16.43 -13.88 17.83
N ALA B 115 -17.77 -13.84 17.82
CA ALA B 115 -18.54 -14.69 18.71
C ALA B 115 -18.28 -16.16 18.45
N ASN B 116 -17.99 -16.53 17.21
CA ASN B 116 -17.68 -17.92 16.88
C ASN B 116 -16.45 -18.39 17.65
N ARG B 117 -15.37 -17.60 17.59
CA ARG B 117 -14.15 -17.92 18.33
C ARG B 117 -14.39 -17.94 19.82
N GLU B 118 -15.15 -16.96 20.33
CA GLU B 118 -15.40 -16.90 21.77
C GLU B 118 -16.17 -18.12 22.26
N ARG B 119 -17.20 -18.54 21.51
CA ARG B 119 -17.95 -19.73 21.87
C ARG B 119 -17.09 -20.99 21.79
N MET B 120 -16.23 -21.06 20.78
CA MET B 120 -15.30 -22.19 20.69
C MET B 120 -14.46 -22.29 21.95
N THR B 121 -13.88 -21.16 22.37
CA THR B 121 -13.04 -21.17 23.57
C THR B 121 -13.84 -21.54 24.81
N GLN B 122 -15.03 -20.96 24.97
CA GLN B 122 -15.83 -21.24 26.15
C GLN B 122 -16.24 -22.70 26.23
N ILE B 123 -16.65 -23.29 25.09
CA ILE B 123 -17.08 -24.68 25.10
C ILE B 123 -15.89 -25.61 25.34
N MET B 124 -14.73 -25.29 24.75
CA MET B 124 -13.56 -26.13 24.99
C MET B 124 -13.16 -26.10 26.46
N PHE B 125 -13.20 -24.93 27.10
CA PHE B 125 -12.70 -24.85 28.46
C PHE B 125 -13.71 -25.29 29.51
N GLU B 126 -15.01 -25.08 29.29
CA GLU B 126 -16.00 -25.31 30.32
C GLU B 126 -16.76 -26.62 30.16
N THR B 127 -16.86 -27.16 28.94
CA THR B 127 -17.56 -28.42 28.72
C THR B 127 -16.62 -29.62 28.67
N PHE B 128 -15.51 -29.51 27.94
CA PHE B 128 -14.57 -30.61 27.82
C PHE B 128 -13.37 -30.48 28.74
N ASN B 129 -13.21 -29.34 29.41
CA ASN B 129 -12.20 -29.15 30.46
C ASN B 129 -10.80 -29.45 29.96
N VAL B 130 -10.43 -28.84 28.83
CA VAL B 130 -9.10 -29.03 28.25
C VAL B 130 -8.09 -28.24 29.08
N PRO B 131 -6.81 -28.62 29.08
CA PRO B 131 -5.80 -27.84 29.80
C PRO B 131 -5.42 -26.55 29.07
N ALA B 132 -5.37 -26.63 27.74
CA ALA B 132 -4.99 -25.48 26.92
C ALA B 132 -5.59 -25.65 25.53
N MET B 133 -5.61 -24.57 24.77
CA MET B 133 -6.10 -24.62 23.40
C MET B 133 -5.51 -23.46 22.60
N TYR B 134 -5.77 -23.48 21.30
CA TYR B 134 -5.32 -22.45 20.39
C TYR B 134 -6.22 -22.50 19.15
N VAL B 135 -6.37 -21.35 18.50
CA VAL B 135 -7.11 -21.23 17.26
C VAL B 135 -6.18 -20.66 16.20
N ALA B 136 -6.11 -21.33 15.04
CA ALA B 136 -5.21 -20.92 13.96
C ALA B 136 -5.99 -20.80 12.65
N ILE B 137 -5.44 -20.00 11.75
CA ILE B 137 -6.02 -19.79 10.43
C ILE B 137 -5.60 -20.93 9.51
N GLN B 138 -6.55 -21.44 8.73
CA GLN B 138 -6.33 -22.67 7.97
C GLN B 138 -5.27 -22.51 6.89
N ALA B 139 -5.28 -21.38 6.18
CA ALA B 139 -4.31 -21.18 5.12
C ALA B 139 -2.89 -21.08 5.66
N VAL B 140 -2.71 -20.49 6.83
CA VAL B 140 -1.40 -20.44 7.47
C VAL B 140 -0.89 -21.85 7.75
N LEU B 141 -1.78 -22.72 8.25
CA LEU B 141 -1.39 -24.11 8.48
C LEU B 141 -1.03 -24.80 7.18
N SER B 142 -1.78 -24.51 6.11
CA SER B 142 -1.45 -25.09 4.81
C SER B 142 -0.06 -24.66 4.35
N LEU B 143 0.29 -23.40 4.57
CA LEU B 143 1.65 -22.95 4.24
C LEU B 143 2.69 -23.61 5.13
N TYR B 144 2.33 -23.88 6.40
CA TYR B 144 3.24 -24.66 7.25
C TYR B 144 3.50 -26.04 6.68
N SER B 145 2.45 -26.68 6.13
CA SER B 145 2.58 -28.04 5.62
C SER B 145 3.53 -28.12 4.43
N SER B 146 3.62 -27.06 3.64
CA SER B 146 4.39 -27.08 2.41
C SER B 146 5.88 -26.85 2.62
N GLY B 147 6.31 -26.54 3.84
CA GLY B 147 7.71 -26.27 4.10
C GLY B 147 8.24 -25.03 3.42
N ARG B 148 7.43 -23.97 3.36
CA ARG B 148 7.81 -22.73 2.71
C ARG B 148 7.42 -21.56 3.60
N THR B 149 8.09 -20.44 3.42
CA THR B 149 7.83 -19.24 4.19
C THR B 149 7.30 -18.09 3.34
N THR B 150 7.18 -18.28 2.03
CA THR B 150 6.64 -17.26 1.14
C THR B 150 5.67 -17.92 0.17
N GLY B 151 4.52 -17.29 -0.02
CA GLY B 151 3.56 -17.77 -1.00
C GLY B 151 2.16 -17.31 -0.65
N ILE B 152 1.26 -17.51 -1.61
CA ILE B 152 -0.15 -17.19 -1.45
C ILE B 152 -0.93 -18.50 -1.54
N VAL B 153 -1.80 -18.73 -0.56
CA VAL B 153 -2.55 -19.98 -0.42
C VAL B 153 -3.99 -19.73 -0.82
N LEU B 154 -4.48 -20.52 -1.77
CA LEU B 154 -5.89 -20.51 -2.15
C LEU B 154 -6.55 -21.76 -1.55
N ASP B 155 -7.35 -21.56 -0.52
CA ASP B 155 -8.01 -22.66 0.19
C ASP B 155 -9.48 -22.69 -0.15
N SER B 156 -9.99 -23.85 -0.53
CA SER B 156 -11.39 -24.01 -0.91
C SER B 156 -11.87 -25.38 -0.43
N GLY B 157 -12.81 -25.38 0.51
CA GLY B 157 -13.36 -26.62 1.01
C GLY B 157 -14.84 -26.76 0.71
N ASP B 158 -15.65 -26.82 1.77
CA ASP B 158 -17.11 -26.89 1.61
C ASP B 158 -17.82 -25.59 1.92
N GLY B 159 -17.28 -24.78 2.83
CA GLY B 159 -17.94 -23.56 3.23
C GLY B 159 -17.54 -22.30 2.50
N VAL B 160 -16.25 -21.98 2.48
CA VAL B 160 -15.76 -20.71 1.97
C VAL B 160 -14.45 -20.92 1.23
N SER B 161 -14.08 -19.92 0.43
CA SER B 161 -12.80 -19.84 -0.24
C SER B 161 -12.08 -18.57 0.20
N HIS B 162 -10.80 -18.69 0.52
CA HIS B 162 -10.04 -17.54 0.97
C HIS B 162 -8.60 -17.64 0.48
N THR B 163 -7.95 -16.48 0.35
CA THR B 163 -6.57 -16.38 -0.06
C THR B 163 -5.78 -15.58 0.98
N VAL B 164 -4.66 -16.15 1.44
CA VAL B 164 -3.80 -15.50 2.42
C VAL B 164 -2.38 -15.46 1.88
N PRO B 165 -1.80 -14.29 1.64
CA PRO B 165 -0.38 -14.21 1.26
C PRO B 165 0.54 -14.02 2.45
N ILE B 166 1.68 -14.69 2.39
CA ILE B 166 2.73 -14.57 3.40
C ILE B 166 4.07 -14.39 2.68
N TYR B 167 4.89 -13.46 3.19
CA TYR B 167 6.18 -13.16 2.59
C TYR B 167 7.26 -13.24 3.66
N GLU B 168 8.20 -14.15 3.49
CA GLU B 168 9.33 -14.33 4.42
C GLU B 168 8.87 -14.54 5.85
N GLY B 169 7.72 -15.19 6.03
CA GLY B 169 7.18 -15.46 7.33
C GLY B 169 6.31 -14.37 7.91
N TYR B 170 6.21 -13.22 7.24
CA TYR B 170 5.43 -12.10 7.73
C TYR B 170 4.05 -12.10 7.08
N ALA B 171 3.03 -11.80 7.87
CA ALA B 171 1.66 -11.79 7.41
C ALA B 171 1.30 -10.44 6.81
N LEU B 172 0.36 -10.45 5.86
CA LEU B 172 -0.13 -9.24 5.19
C LEU B 172 -1.63 -9.21 5.37
N PRO B 173 -2.12 -8.79 6.54
CA PRO B 173 -3.56 -8.90 6.83
C PRO B 173 -4.45 -8.09 5.90
N HIS B 174 -3.98 -6.96 5.39
CA HIS B 174 -4.81 -6.13 4.53
C HIS B 174 -5.05 -6.74 3.16
N ALA B 175 -4.32 -7.80 2.80
CA ALA B 175 -4.47 -8.43 1.49
C ALA B 175 -5.27 -9.73 1.54
N ILE B 176 -5.84 -10.10 2.70
CA ILE B 176 -6.63 -11.31 2.79
C ILE B 176 -7.99 -11.09 2.16
N MET B 177 -8.40 -12.00 1.26
CA MET B 177 -9.68 -11.91 0.58
C MET B 177 -10.49 -13.16 0.81
N ARG B 178 -11.81 -13.00 0.84
CA ARG B 178 -12.75 -14.06 1.16
C ARG B 178 -13.83 -14.15 0.10
N LEU B 179 -14.10 -15.36 -0.39
CA LEU B 179 -15.13 -15.58 -1.39
C LEU B 179 -16.11 -16.63 -0.85
N ASP B 180 -17.39 -16.30 -0.87
CA ASP B 180 -18.42 -17.18 -0.31
C ASP B 180 -18.97 -18.12 -1.39
N LEU B 181 -18.07 -18.96 -1.91
CA LEU B 181 -18.43 -19.93 -2.94
C LEU B 181 -17.51 -21.13 -2.78
N ALA B 182 -18.09 -22.28 -2.47
CA ALA B 182 -17.30 -23.48 -2.17
C ALA B 182 -18.10 -24.70 -2.61
N GLY B 183 -17.71 -25.87 -2.09
CA GLY B 183 -18.23 -27.13 -2.61
C GLY B 183 -19.73 -27.29 -2.45
N ARG B 184 -20.30 -26.78 -1.36
CA ARG B 184 -21.74 -26.93 -1.16
C ARG B 184 -22.53 -26.15 -2.20
N ASP B 185 -22.05 -24.97 -2.57
CA ASP B 185 -22.67 -24.22 -3.67
C ASP B 185 -22.61 -25.01 -4.97
N LEU B 186 -21.48 -25.67 -5.23
CA LEU B 186 -21.35 -26.48 -6.44
C LEU B 186 -22.30 -27.67 -6.42
N THR B 187 -22.47 -28.31 -5.25
CA THR B 187 -23.42 -29.41 -5.13
C THR B 187 -24.85 -28.93 -5.40
N GLU B 188 -25.21 -27.77 -4.85
CA GLU B 188 -26.54 -27.22 -5.10
C GLU B 188 -26.74 -26.88 -6.57
N TYR B 189 -25.72 -26.32 -7.22
CA TYR B 189 -25.83 -25.99 -8.64
C TYR B 189 -25.95 -27.24 -9.50
N MET B 190 -25.22 -28.30 -9.14
CA MET B 190 -25.36 -29.57 -9.84
C MET B 190 -26.77 -30.13 -9.68
N MET B 191 -27.33 -30.02 -8.46
CA MET B 191 -28.72 -30.42 -8.26
C MET B 191 -29.65 -29.64 -9.17
N LYS B 192 -29.45 -28.33 -9.25
CA LYS B 192 -30.32 -27.49 -10.07
C LYS B 192 -30.22 -27.85 -11.55
N ILE B 193 -29.02 -28.07 -12.06
CA ILE B 193 -28.86 -28.32 -13.50
C ILE B 193 -29.11 -29.77 -13.89
N LEU B 194 -29.17 -30.69 -12.92
CA LEU B 194 -29.56 -32.05 -13.24
C LEU B 194 -31.04 -32.19 -13.55
N HIS B 195 -31.86 -31.17 -13.24
CA HIS B 195 -33.27 -31.19 -13.60
C HIS B 195 -33.49 -31.06 -15.10
N GLU B 196 -32.49 -30.61 -15.85
CA GLU B 196 -32.63 -30.49 -17.29
C GLU B 196 -32.78 -31.84 -17.97
N ARG B 197 -32.18 -32.88 -17.41
CA ARG B 197 -32.25 -34.22 -17.97
C ARG B 197 -33.38 -35.05 -17.38
N GLY B 198 -34.17 -34.49 -16.48
CA GLY B 198 -35.27 -35.21 -15.88
C GLY B 198 -34.96 -35.92 -14.59
N TYR B 199 -33.79 -35.72 -14.01
CA TYR B 199 -33.44 -36.31 -12.73
C TYR B 199 -33.76 -35.33 -11.61
N GLY B 200 -34.52 -35.79 -10.61
CA GLY B 200 -34.93 -34.93 -9.52
C GLY B 200 -34.38 -35.36 -8.18
N PHE B 201 -33.57 -34.50 -7.56
CA PHE B 201 -33.02 -34.75 -6.24
C PHE B 201 -33.41 -33.58 -5.33
N THR B 202 -34.10 -33.89 -4.24
CA THR B 202 -34.57 -32.84 -3.35
C THR B 202 -34.18 -33.08 -1.89
N THR B 203 -34.15 -34.34 -1.45
CA THR B 203 -33.97 -34.64 -0.03
C THR B 203 -32.49 -34.55 0.35
N SER B 204 -32.23 -34.72 1.65
CA SER B 204 -30.87 -34.65 2.16
C SER B 204 -30.01 -35.80 1.67
N ALA B 205 -30.54 -37.02 1.72
CA ALA B 205 -29.80 -38.18 1.21
C ALA B 205 -29.54 -38.03 -0.30
N GLU B 206 -30.52 -37.51 -1.03
CA GLU B 206 -30.31 -37.24 -2.44
C GLU B 206 -29.25 -36.15 -2.64
N LYS B 207 -29.16 -35.19 -1.71
CA LYS B 207 -28.07 -34.23 -1.75
C LYS B 207 -26.71 -34.90 -1.61
N GLU B 208 -26.61 -35.87 -0.68
CA GLU B 208 -25.37 -36.61 -0.52
C GLU B 208 -25.03 -37.39 -1.79
N ILE B 209 -26.04 -38.01 -2.41
CA ILE B 209 -25.81 -38.75 -3.65
C ILE B 209 -25.32 -37.81 -4.76
N VAL B 210 -25.91 -36.61 -4.85
CA VAL B 210 -25.48 -35.64 -5.85
C VAL B 210 -24.04 -35.21 -5.61
N ARG B 211 -23.68 -34.99 -4.34
CA ARG B 211 -22.28 -34.65 -4.02
C ARG B 211 -21.34 -35.77 -4.46
N ASP B 212 -21.76 -37.01 -4.21
CA ASP B 212 -20.94 -38.17 -4.65
C ASP B 212 -20.73 -38.07 -6.16
N ILE B 213 -21.83 -37.89 -6.91
CA ILE B 213 -21.75 -37.83 -8.37
C ILE B 213 -20.80 -36.73 -8.81
N LYS B 214 -20.91 -35.56 -8.17
CA LYS B 214 -20.04 -34.43 -8.51
C LYS B 214 -18.58 -34.77 -8.28
N GLU B 215 -18.28 -35.44 -7.16
CA GLU B 215 -16.90 -35.81 -6.88
C GLU B 215 -16.37 -36.80 -7.90
N LYS B 216 -17.20 -37.78 -8.31
CA LYS B 216 -16.70 -38.81 -9.22
C LYS B 216 -16.70 -38.43 -10.70
N LEU B 217 -17.47 -37.45 -11.14
CA LEU B 217 -17.65 -37.26 -12.58
C LEU B 217 -17.24 -35.90 -13.14
N CYS B 218 -16.92 -34.92 -12.31
CA CYS B 218 -16.71 -33.56 -12.80
C CYS B 218 -15.23 -33.28 -13.07
N TYR B 219 -15.00 -32.30 -13.95
CA TYR B 219 -13.66 -31.83 -14.26
C TYR B 219 -13.74 -30.38 -14.75
N ILE B 220 -12.60 -29.71 -14.78
CA ILE B 220 -12.52 -28.32 -15.19
C ILE B 220 -11.98 -28.24 -16.61
N ALA B 221 -12.73 -27.58 -17.49
CA ALA B 221 -12.32 -27.43 -18.88
C ALA B 221 -11.23 -26.37 -19.03
N LEU B 222 -10.31 -26.60 -19.97
CA LEU B 222 -9.25 -25.64 -20.23
C LEU B 222 -9.81 -24.38 -20.88
N ASP B 223 -10.67 -24.54 -21.88
CA ASP B 223 -11.40 -23.44 -22.49
C ASP B 223 -12.88 -23.80 -22.47
N PHE B 224 -13.68 -22.95 -21.86
CA PHE B 224 -15.08 -23.31 -21.62
C PHE B 224 -15.91 -23.27 -22.89
N ASP B 225 -15.76 -22.22 -23.70
CA ASP B 225 -16.57 -22.11 -24.91
C ASP B 225 -16.25 -23.20 -25.91
N GLU B 226 -14.97 -23.48 -26.11
CA GLU B 226 -14.57 -24.54 -27.03
C GLU B 226 -15.07 -25.90 -26.54
N GLU B 227 -14.99 -26.15 -25.23
CA GLU B 227 -15.44 -27.42 -24.71
C GLU B 227 -16.95 -27.57 -24.82
N MET B 228 -17.70 -26.48 -24.62
CA MET B 228 -19.14 -26.52 -24.83
C MET B 228 -19.46 -26.83 -26.29
N LYS B 229 -18.75 -26.18 -27.22
CA LYS B 229 -18.97 -26.45 -28.64
C LYS B 229 -18.67 -27.91 -28.98
N ALA B 230 -17.57 -28.45 -28.44
CA ALA B 230 -17.23 -29.85 -28.71
C ALA B 230 -18.24 -30.80 -28.11
N ALA B 231 -18.77 -30.49 -26.92
CA ALA B 231 -19.79 -31.32 -26.31
C ALA B 231 -21.09 -31.29 -27.12
N GLU B 232 -21.42 -30.15 -27.73
CA GLU B 232 -22.62 -30.09 -28.55
C GLU B 232 -22.50 -30.87 -29.85
N ASP B 233 -21.31 -31.34 -30.21
CA ASP B 233 -21.08 -31.99 -31.49
C ASP B 233 -20.78 -33.47 -31.40
N SER B 234 -20.68 -34.04 -30.19
CA SER B 234 -20.33 -35.45 -30.04
C SER B 234 -21.04 -35.99 -28.81
N SER B 235 -20.69 -37.22 -28.44
CA SER B 235 -21.29 -37.86 -27.26
C SER B 235 -20.26 -38.62 -26.42
N ASP B 236 -18.97 -38.56 -26.76
CA ASP B 236 -17.96 -39.29 -26.00
C ASP B 236 -17.75 -38.69 -24.62
N ILE B 237 -18.23 -37.47 -24.38
CA ILE B 237 -18.08 -36.86 -23.07
C ILE B 237 -19.04 -37.50 -22.06
N GLU B 238 -20.16 -38.03 -22.52
CA GLU B 238 -21.17 -38.58 -21.64
C GLU B 238 -20.64 -39.76 -20.84
N LYS B 239 -20.97 -39.77 -19.55
CA LYS B 239 -20.62 -40.87 -18.65
C LYS B 239 -21.87 -41.27 -17.86
N SER B 240 -21.85 -42.49 -17.34
CA SER B 240 -22.99 -43.04 -16.62
C SER B 240 -22.64 -43.26 -15.15
N TYR B 241 -23.66 -43.17 -14.31
CA TYR B 241 -23.55 -43.35 -12.87
C TYR B 241 -24.70 -44.21 -12.39
N GLU B 242 -24.43 -45.09 -11.42
CA GLU B 242 -25.43 -46.01 -10.90
C GLU B 242 -25.88 -45.56 -9.52
N LEU B 243 -27.18 -45.38 -9.36
CA LEU B 243 -27.79 -44.96 -8.11
C LEU B 243 -27.85 -46.12 -7.12
N PRO B 244 -28.08 -45.85 -5.83
CA PRO B 244 -28.15 -46.94 -4.85
C PRO B 244 -29.26 -47.94 -5.14
N ASP B 245 -30.31 -47.56 -5.86
CA ASP B 245 -31.42 -48.46 -6.16
C ASP B 245 -31.28 -49.15 -7.50
N GLY B 246 -30.16 -48.95 -8.20
CA GLY B 246 -29.90 -49.63 -9.45
C GLY B 246 -30.18 -48.81 -10.70
N ASN B 247 -30.91 -47.71 -10.59
CA ASN B 247 -31.17 -46.87 -11.76
C ASN B 247 -29.89 -46.17 -12.20
N ILE B 248 -29.86 -45.80 -13.47
CA ILE B 248 -28.66 -45.25 -14.11
C ILE B 248 -28.99 -43.87 -14.68
N ILE B 249 -28.15 -42.89 -14.35
CA ILE B 249 -28.25 -41.54 -14.89
C ILE B 249 -27.05 -41.27 -15.77
N THR B 250 -27.21 -40.36 -16.73
CA THR B 250 -26.17 -40.01 -17.68
C THR B 250 -26.00 -38.51 -17.70
N VAL B 251 -24.75 -38.06 -17.75
CA VAL B 251 -24.41 -36.64 -17.70
C VAL B 251 -23.49 -36.29 -18.85
N GLY B 252 -23.77 -35.17 -19.52
CA GLY B 252 -22.96 -34.70 -20.62
C GLY B 252 -22.09 -33.52 -20.26
N ASN B 253 -22.46 -32.31 -20.72
CA ASN B 253 -21.66 -31.13 -20.45
C ASN B 253 -21.79 -30.63 -19.01
N GLU B 254 -22.72 -31.19 -18.24
CA GLU B 254 -22.82 -30.84 -16.82
C GLU B 254 -21.52 -31.13 -16.09
N ARG B 255 -20.74 -32.10 -16.57
CA ARG B 255 -19.51 -32.50 -15.92
C ARG B 255 -18.54 -31.33 -15.77
N PHE B 256 -18.37 -30.55 -16.84
CA PHE B 256 -17.51 -29.37 -16.75
C PHE B 256 -18.31 -28.09 -16.53
N ARG B 257 -19.63 -28.13 -16.63
CA ARG B 257 -20.44 -26.94 -16.32
C ARG B 257 -20.57 -26.71 -14.83
N CYS B 258 -20.65 -27.77 -14.02
CA CYS B 258 -20.81 -27.57 -12.58
C CYS B 258 -19.61 -26.86 -11.94
N PRO B 259 -18.36 -27.28 -12.14
CA PRO B 259 -17.24 -26.56 -11.51
C PRO B 259 -16.88 -25.24 -12.16
N GLU B 260 -17.45 -24.93 -13.34
CA GLU B 260 -17.17 -23.66 -13.98
C GLU B 260 -17.67 -22.47 -13.15
N ALA B 261 -18.61 -22.71 -12.24
CA ALA B 261 -19.09 -21.63 -11.37
C ALA B 261 -18.02 -21.14 -10.42
N LEU B 262 -16.93 -21.89 -10.24
CA LEU B 262 -15.78 -21.39 -9.48
C LEU B 262 -15.14 -20.20 -10.18
N PHE B 263 -15.03 -20.26 -11.50
CA PHE B 263 -14.44 -19.19 -12.29
C PHE B 263 -15.45 -18.20 -12.84
N GLN B 264 -16.73 -18.57 -12.90
CA GLN B 264 -17.80 -17.69 -13.35
C GLN B 264 -18.92 -17.72 -12.31
N PRO B 265 -18.76 -16.97 -11.21
CA PRO B 265 -19.79 -16.99 -10.16
C PRO B 265 -21.16 -16.49 -10.61
N SER B 266 -21.25 -15.85 -11.78
CA SER B 266 -22.55 -15.42 -12.28
C SER B 266 -23.47 -16.59 -12.63
N PHE B 267 -22.92 -17.79 -12.75
CA PHE B 267 -23.76 -18.98 -12.97
C PHE B 267 -24.70 -19.21 -11.79
N LEU B 268 -24.28 -18.84 -10.59
CA LEU B 268 -25.09 -18.97 -9.39
C LEU B 268 -25.89 -17.72 -9.08
N GLY B 269 -25.88 -16.74 -9.97
CA GLY B 269 -26.53 -15.47 -9.68
C GLY B 269 -25.77 -14.59 -8.71
N LYS B 270 -24.47 -14.80 -8.56
CA LYS B 270 -23.66 -14.08 -7.61
C LYS B 270 -22.84 -13.00 -8.31
N GLU B 271 -22.85 -11.80 -7.73
CA GLU B 271 -22.06 -10.68 -8.24
C GLU B 271 -20.72 -10.71 -7.54
N ALA B 272 -19.80 -11.52 -8.06
CA ALA B 272 -18.50 -11.69 -7.44
C ALA B 272 -17.52 -12.21 -8.49
N ALA B 273 -16.24 -12.07 -8.18
CA ALA B 273 -15.17 -12.52 -9.06
C ALA B 273 -14.80 -13.97 -8.75
N GLY B 274 -14.27 -14.65 -9.76
CA GLY B 274 -13.86 -16.02 -9.60
C GLY B 274 -12.61 -16.14 -8.76
N VAL B 275 -12.18 -17.40 -8.56
CA VAL B 275 -11.04 -17.66 -7.69
C VAL B 275 -9.76 -17.10 -8.30
N HIS B 276 -9.64 -17.14 -9.63
CA HIS B 276 -8.47 -16.56 -10.27
C HIS B 276 -8.39 -15.06 -10.04
N ARG B 277 -9.51 -14.36 -10.19
CA ARG B 277 -9.53 -12.93 -9.96
C ARG B 277 -9.35 -12.59 -8.49
N THR B 278 -9.88 -13.44 -7.59
CA THR B 278 -9.65 -13.23 -6.17
C THR B 278 -8.17 -13.34 -5.81
N THR B 279 -7.49 -14.36 -6.36
CA THR B 279 -6.06 -14.52 -6.12
C THR B 279 -5.27 -13.35 -6.69
N PHE B 280 -5.60 -12.93 -7.91
CA PHE B 280 -4.90 -11.81 -8.53
C PHE B 280 -5.11 -10.53 -7.74
N ASP B 281 -6.33 -10.28 -7.26
CA ASP B 281 -6.60 -9.09 -6.47
C ASP B 281 -5.85 -9.11 -5.15
N SER B 282 -5.75 -10.30 -4.53
CA SER B 282 -4.98 -10.42 -3.30
C SER B 282 -3.51 -10.12 -3.56
N ILE B 283 -2.97 -10.60 -4.67
CA ILE B 283 -1.57 -10.33 -5.00
C ILE B 283 -1.35 -8.84 -5.26
N MET B 284 -2.30 -8.20 -5.95
CA MET B 284 -2.15 -6.79 -6.30
C MET B 284 -2.35 -5.86 -5.11
N LYS B 285 -2.80 -6.36 -3.97
CA LYS B 285 -2.94 -5.56 -2.77
C LYS B 285 -1.70 -5.58 -1.89
N CYS B 286 -0.64 -6.25 -2.33
CA CYS B 286 0.61 -6.30 -1.60
C CYS B 286 1.60 -5.29 -2.20
N ASP B 287 2.76 -5.18 -1.55
CA ASP B 287 3.80 -4.30 -2.04
C ASP B 287 4.37 -4.81 -3.36
N VAL B 288 4.90 -3.89 -4.16
CA VAL B 288 5.40 -4.22 -5.49
C VAL B 288 6.55 -5.21 -5.40
N ASP B 289 7.28 -5.23 -4.29
CA ASP B 289 8.47 -6.07 -4.14
C ASP B 289 8.16 -7.49 -3.68
N ILE B 290 6.89 -7.86 -3.53
CA ILE B 290 6.51 -9.15 -2.98
C ILE B 290 5.84 -9.98 -4.07
N ARG B 291 5.33 -9.29 -5.10
CA ARG B 291 4.46 -9.91 -6.09
C ARG B 291 5.16 -10.99 -6.90
N LYS B 292 6.44 -10.82 -7.20
CA LYS B 292 7.17 -11.84 -7.97
C LYS B 292 7.15 -13.17 -7.23
N ASP B 293 7.51 -13.16 -5.95
CA ASP B 293 7.50 -14.39 -5.17
C ASP B 293 6.09 -14.94 -5.01
N LEU B 294 5.11 -14.05 -4.81
CA LEU B 294 3.73 -14.53 -4.70
C LEU B 294 3.28 -15.24 -5.97
N TYR B 295 3.60 -14.68 -7.14
CA TYR B 295 3.31 -15.36 -8.40
C TYR B 295 4.06 -16.69 -8.48
N GLY B 296 5.27 -16.74 -7.92
CA GLY B 296 6.06 -17.96 -8.00
C GLY B 296 5.61 -19.08 -7.09
N ASN B 297 4.81 -18.78 -6.07
CA ASN B 297 4.45 -19.80 -5.08
C ASN B 297 2.94 -19.82 -4.79
N VAL B 298 2.11 -19.90 -5.82
CA VAL B 298 0.68 -20.08 -5.62
C VAL B 298 0.41 -21.53 -5.21
N VAL B 299 -0.21 -21.71 -4.05
CA VAL B 299 -0.39 -23.03 -3.45
C VAL B 299 -1.89 -23.31 -3.28
N LEU B 300 -2.31 -24.49 -3.71
CA LEU B 300 -3.70 -24.92 -3.60
C LEU B 300 -3.90 -25.80 -2.35
N SER B 301 -5.07 -25.68 -1.75
CA SER B 301 -5.41 -26.45 -0.56
C SER B 301 -6.92 -26.60 -0.47
N GLY B 302 -7.36 -27.73 0.06
CA GLY B 302 -8.76 -28.01 0.27
C GLY B 302 -9.30 -29.03 -0.72
N GLY B 303 -10.53 -29.47 -0.44
CA GLY B 303 -11.17 -30.48 -1.27
C GLY B 303 -11.72 -29.98 -2.58
N THR B 304 -12.12 -28.71 -2.63
CA THR B 304 -12.65 -28.14 -3.87
C THR B 304 -11.55 -27.87 -4.90
N THR B 305 -10.28 -27.95 -4.52
CA THR B 305 -9.19 -27.82 -5.46
C THR B 305 -8.73 -29.17 -6.02
N MET B 306 -9.51 -30.23 -5.82
CA MET B 306 -9.14 -31.57 -6.26
C MET B 306 -9.69 -31.92 -7.64
N TYR B 307 -10.33 -30.97 -8.32
CA TYR B 307 -10.82 -31.23 -9.66
C TYR B 307 -9.67 -31.46 -10.64
N GLU B 308 -9.91 -32.26 -11.66
CA GLU B 308 -8.91 -32.50 -12.69
C GLU B 308 -8.80 -31.29 -13.60
N GLY B 309 -7.58 -30.83 -13.83
CA GLY B 309 -7.33 -29.69 -14.69
C GLY B 309 -7.46 -28.33 -14.04
N ILE B 310 -7.57 -28.27 -12.71
CA ILE B 310 -7.72 -26.98 -12.04
C ILE B 310 -6.42 -26.18 -12.11
N GLY B 311 -5.27 -26.85 -11.97
CA GLY B 311 -4.01 -26.14 -12.00
C GLY B 311 -3.73 -25.49 -13.34
N GLU B 312 -4.01 -26.20 -14.43
CA GLU B 312 -3.80 -25.65 -15.77
C GLU B 312 -4.69 -24.43 -16.01
N ARG B 313 -5.96 -24.51 -15.60
CA ARG B 313 -6.88 -23.39 -15.79
C ARG B 313 -6.45 -22.19 -14.96
N LEU B 314 -6.06 -22.42 -13.69
CA LEU B 314 -5.62 -21.33 -12.85
C LEU B 314 -4.35 -20.69 -13.40
N THR B 315 -3.42 -21.51 -13.91
CA THR B 315 -2.21 -20.98 -14.52
C THR B 315 -2.52 -20.13 -15.74
N LYS B 316 -3.45 -20.59 -16.59
CA LYS B 316 -3.82 -19.84 -17.77
C LYS B 316 -4.44 -18.50 -17.40
N GLU B 317 -5.35 -18.50 -16.43
CA GLU B 317 -6.01 -17.26 -16.03
C GLU B 317 -5.02 -16.27 -15.42
N LEU B 318 -4.12 -16.77 -14.55
CA LEU B 318 -3.14 -15.88 -13.92
C LEU B 318 -2.14 -15.35 -14.94
N THR B 319 -1.76 -16.19 -15.91
CA THR B 319 -0.88 -15.72 -16.99
C THR B 319 -1.57 -14.63 -17.79
N SER B 320 -2.87 -14.78 -18.04
CA SER B 320 -3.60 -13.73 -18.75
C SER B 320 -3.62 -12.43 -17.95
N LEU B 321 -3.78 -12.53 -16.63
CA LEU B 321 -3.91 -11.32 -15.81
C LEU B 321 -2.57 -10.68 -15.45
N ALA B 322 -1.50 -11.44 -15.35
CA ALA B 322 -0.21 -10.95 -14.90
C ALA B 322 0.63 -10.44 -16.07
N PRO B 323 1.66 -9.63 -15.79
CA PRO B 323 2.57 -9.22 -16.86
C PRO B 323 3.32 -10.41 -17.46
N SER B 324 3.68 -10.26 -18.74
CA SER B 324 4.21 -11.37 -19.52
C SER B 324 5.58 -11.84 -19.03
N THR B 325 6.29 -11.02 -18.27
CA THR B 325 7.61 -11.41 -17.79
C THR B 325 7.56 -12.26 -16.53
N MET B 326 6.50 -12.14 -15.74
CA MET B 326 6.38 -12.92 -14.52
C MET B 326 6.20 -14.40 -14.82
N LYS B 327 6.77 -15.24 -13.95
CA LYS B 327 6.60 -16.68 -14.02
C LYS B 327 5.55 -17.09 -12.99
N ILE B 328 4.47 -17.70 -13.47
CA ILE B 328 3.38 -18.18 -12.61
C ILE B 328 3.58 -19.67 -12.39
N LYS B 329 3.68 -20.07 -11.13
CA LYS B 329 3.79 -21.48 -10.77
C LYS B 329 2.72 -21.82 -9.75
N VAL B 330 1.93 -22.85 -10.04
CA VAL B 330 0.85 -23.30 -9.17
C VAL B 330 1.22 -24.68 -8.65
N VAL B 331 1.21 -24.83 -7.32
CA VAL B 331 1.57 -26.08 -6.67
C VAL B 331 0.30 -26.78 -6.22
N ALA B 332 0.15 -28.05 -6.60
CA ALA B 332 -1.02 -28.86 -6.25
C ALA B 332 -0.54 -30.16 -5.63
N PRO B 333 -0.30 -30.17 -4.33
CA PRO B 333 0.14 -31.39 -3.65
C PRO B 333 -0.89 -32.49 -3.78
N PRO B 334 -0.47 -33.74 -3.91
CA PRO B 334 -1.45 -34.84 -3.98
C PRO B 334 -2.30 -34.97 -2.74
N GLU B 335 -1.77 -34.64 -1.57
CA GLU B 335 -2.47 -34.76 -0.30
C GLU B 335 -3.04 -33.43 0.17
N ARG B 336 -3.33 -32.52 -0.75
CA ARG B 336 -3.77 -31.18 -0.36
C ARG B 336 -5.13 -31.16 0.31
N LYS B 337 -5.87 -32.27 0.29
CA LYS B 337 -7.10 -32.36 1.07
C LYS B 337 -6.85 -32.43 2.57
N TYR B 338 -5.60 -32.67 3.00
CA TYR B 338 -5.26 -32.77 4.41
C TYR B 338 -4.13 -31.82 4.80
N SER B 339 -3.87 -30.79 3.99
CA SER B 339 -2.73 -29.91 4.27
C SER B 339 -2.94 -29.13 5.55
N VAL B 340 -4.18 -28.71 5.83
CA VAL B 340 -4.44 -27.94 7.04
C VAL B 340 -4.13 -28.76 8.28
N TRP B 341 -4.58 -30.02 8.30
CA TRP B 341 -4.31 -30.87 9.46
C TRP B 341 -2.83 -31.14 9.63
N ILE B 342 -2.12 -31.42 8.52
CA ILE B 342 -0.68 -31.69 8.62
C ILE B 342 0.07 -30.47 9.12
N GLY B 343 -0.29 -29.29 8.62
CA GLY B 343 0.33 -28.07 9.09
C GLY B 343 0.03 -27.78 10.55
N GLY B 344 -1.20 -28.07 10.99
CA GLY B 344 -1.52 -27.90 12.39
C GLY B 344 -0.72 -28.84 13.27
N SER B 345 -0.54 -30.08 12.84
CA SER B 345 0.29 -31.04 13.57
C SER B 345 1.73 -30.54 13.67
N ILE B 346 2.27 -30.05 12.55
CA ILE B 346 3.63 -29.52 12.55
C ILE B 346 3.74 -28.35 13.52
N LEU B 347 2.80 -27.42 13.45
CA LEU B 347 2.86 -26.22 14.29
C LEU B 347 2.74 -26.58 15.77
N SER B 348 1.83 -27.48 16.11
CA SER B 348 1.66 -27.88 17.51
C SER B 348 2.79 -28.77 18.01
N SER B 349 3.61 -29.32 17.12
CA SER B 349 4.75 -30.12 17.54
C SER B 349 6.03 -29.32 17.74
N LEU B 350 6.00 -28.00 17.55
CA LEU B 350 7.20 -27.18 17.63
C LEU B 350 7.50 -26.79 19.07
N SER B 351 8.79 -26.76 19.41
CA SER B 351 9.20 -26.39 20.76
C SER B 351 8.90 -24.94 21.07
N THR B 352 9.01 -24.05 20.08
CA THR B 352 8.74 -22.63 20.30
C THR B 352 7.25 -22.34 20.44
N PHE B 353 6.38 -23.22 19.95
CA PHE B 353 4.94 -22.97 20.02
C PHE B 353 4.37 -23.23 21.41
N GLN B 354 5.10 -23.92 22.28
CA GLN B 354 4.55 -24.34 23.57
C GLN B 354 4.29 -23.20 24.52
N GLN B 355 4.71 -21.98 24.19
CA GLN B 355 4.38 -20.81 25.00
C GLN B 355 3.17 -20.05 24.49
N MET B 356 2.61 -20.43 23.34
CA MET B 356 1.48 -19.75 22.75
C MET B 356 0.13 -20.31 23.17
N TRP B 357 0.11 -21.42 23.90
CA TRP B 357 -1.16 -22.01 24.33
C TRP B 357 -1.91 -21.05 25.25
N ILE B 358 -3.23 -21.02 25.10
CA ILE B 358 -4.10 -20.34 26.05
C ILE B 358 -4.41 -21.34 27.16
N THR B 359 -3.80 -21.15 28.33
CA THR B 359 -3.96 -22.12 29.41
C THR B 359 -5.26 -21.85 30.18
N LYS B 360 -5.60 -22.79 31.06
CA LYS B 360 -6.83 -22.67 31.83
C LYS B 360 -6.74 -21.54 32.85
N GLU B 361 -5.54 -21.23 33.35
CA GLU B 361 -5.38 -20.13 34.29
C GLU B 361 -5.72 -18.79 33.65
N GLU B 362 -5.18 -18.53 32.45
CA GLU B 362 -5.48 -17.28 31.77
C GLU B 362 -6.96 -17.18 31.43
N TYR B 363 -7.58 -18.31 31.06
CA TYR B 363 -9.01 -18.30 30.80
C TYR B 363 -9.79 -17.94 32.05
N ASP B 364 -9.48 -18.60 33.17
CA ASP B 364 -10.18 -18.30 34.42
C ASP B 364 -9.97 -16.85 34.82
N GLU B 365 -8.83 -16.26 34.45
CA GLU B 365 -8.58 -14.86 34.78
C GLU B 365 -9.34 -13.90 33.88
N SER B 366 -9.46 -14.21 32.59
CA SER B 366 -9.88 -13.20 31.61
C SER B 366 -11.19 -13.47 30.89
N GLY B 367 -11.78 -14.65 31.03
CA GLY B 367 -12.99 -14.97 30.30
C GLY B 367 -12.71 -15.36 28.86
N PRO B 368 -13.77 -15.61 28.09
CA PRO B 368 -13.58 -16.05 26.70
C PRO B 368 -12.95 -14.99 25.81
N SER B 369 -12.88 -13.74 26.25
CA SER B 369 -12.27 -12.68 25.44
C SER B 369 -10.76 -12.84 25.31
N ILE B 370 -10.15 -13.75 26.07
CA ILE B 370 -8.70 -13.94 26.02
C ILE B 370 -8.26 -14.40 24.63
N VAL B 371 -9.13 -15.10 23.90
CA VAL B 371 -8.74 -15.66 22.61
C VAL B 371 -8.42 -14.57 21.61
N HIS B 372 -8.97 -13.37 21.79
CA HIS B 372 -8.73 -12.31 20.82
C HIS B 372 -7.33 -11.71 20.96
N ARG B 373 -6.80 -11.63 22.16
CA ARG B 373 -5.49 -11.04 22.38
C ARG B 373 -4.37 -12.07 22.39
N LYS B 374 -4.66 -13.34 22.15
CA LYS B 374 -3.64 -14.38 22.11
C LYS B 374 -3.53 -15.09 20.77
N CYS B 375 -4.64 -15.28 20.06
CA CYS B 375 -4.62 -15.88 18.73
C CYS B 375 -4.93 -14.81 17.70
N PHE B 376 -3.97 -14.58 16.80
CA PHE B 376 -4.11 -13.54 15.78
C PHE B 376 -3.06 -13.71 14.69
N VAL C 6 50.31 -1.42 12.48
CA VAL C 6 48.86 -1.37 12.65
C VAL C 6 48.25 -0.38 11.68
N GLN C 7 47.39 -0.86 10.79
CA GLN C 7 46.71 -0.01 9.83
C GLN C 7 45.43 0.56 10.44
N ALA C 8 45.07 1.76 9.98
CA ALA C 8 43.87 2.42 10.44
C ALA C 8 42.67 2.01 9.60
N LEU C 9 41.48 2.18 10.18
CA LEU C 9 40.23 1.97 9.46
C LEU C 9 39.72 3.32 8.97
N VAL C 10 39.26 3.35 7.73
CA VAL C 10 38.71 4.55 7.12
C VAL C 10 37.22 4.32 6.89
N VAL C 11 36.39 5.16 7.49
CA VAL C 11 34.94 5.06 7.36
C VAL C 11 34.43 6.39 6.84
N ASP C 12 33.75 6.36 5.69
CA ASP C 12 33.12 7.54 5.11
C ASP C 12 31.62 7.41 5.35
N ASN C 13 31.11 8.18 6.31
CA ASN C 13 29.69 8.13 6.68
C ASN C 13 28.95 9.16 5.85
N GLY C 14 28.56 8.78 4.64
CA GLY C 14 27.73 9.63 3.81
C GLY C 14 26.27 9.56 4.21
N SER C 15 25.49 10.48 3.66
CA SER C 15 24.06 10.47 3.91
C SER C 15 23.37 9.28 3.27
N GLY C 16 23.89 8.80 2.14
CA GLY C 16 23.27 7.70 1.44
C GLY C 16 23.91 6.35 1.68
N ASN C 17 25.24 6.28 1.64
CA ASN C 17 25.97 5.03 1.69
C ASN C 17 27.11 5.12 2.70
N VAL C 18 27.57 3.96 3.14
CA VAL C 18 28.74 3.83 4.00
C VAL C 18 29.86 3.19 3.19
N LYS C 19 31.01 3.85 3.16
CA LYS C 19 32.22 3.29 2.56
C LYS C 19 33.24 3.05 3.67
N ALA C 20 33.62 1.80 3.87
CA ALA C 20 34.53 1.42 4.94
C ALA C 20 35.61 0.51 4.39
N GLY C 21 36.76 0.53 5.05
CA GLY C 21 37.87 -0.29 4.62
C GLY C 21 39.08 -0.08 5.50
N VAL C 22 40.20 -0.63 5.06
CA VAL C 22 41.47 -0.57 5.77
C VAL C 22 42.40 0.36 5.01
N ALA C 23 43.11 1.22 5.73
CA ALA C 23 44.04 2.15 5.12
C ALA C 23 45.12 1.40 4.34
N GLY C 24 45.45 1.91 3.16
CA GLY C 24 46.40 1.30 2.26
C GLY C 24 45.77 0.54 1.11
N ASP C 25 44.49 0.21 1.21
CA ASP C 25 43.79 -0.47 0.13
C ASP C 25 43.45 0.51 -0.98
N ASP C 26 43.33 -0.01 -2.20
CA ASP C 26 43.06 0.82 -3.36
C ASP C 26 41.61 1.29 -3.40
N ALA C 27 40.69 0.49 -2.88
CA ALA C 27 39.27 0.79 -2.89
C ALA C 27 38.66 0.36 -1.57
N PRO C 28 37.53 0.95 -1.18
CA PRO C 28 36.82 0.44 0.00
C PRO C 28 36.28 -0.96 -0.26
N ARG C 29 36.24 -1.76 0.81
CA ARG C 29 35.81 -3.14 0.70
C ARG C 29 34.41 -3.38 1.22
N ALA C 30 33.74 -2.36 1.74
CA ALA C 30 32.37 -2.50 2.23
C ALA C 30 31.59 -1.24 1.84
N VAL C 31 30.69 -1.38 0.88
CA VAL C 31 29.84 -0.28 0.42
C VAL C 31 28.40 -0.77 0.47
N PHE C 32 27.64 -0.27 1.44
CA PHE C 32 26.26 -0.68 1.64
C PHE C 32 25.41 0.54 1.96
N PRO C 33 24.12 0.50 1.66
CA PRO C 33 23.25 1.65 1.98
C PRO C 33 23.14 1.88 3.48
N SER C 34 23.00 3.15 3.84
CA SER C 34 22.96 3.57 5.24
C SER C 34 21.50 3.70 5.69
N ILE C 35 20.85 2.54 5.80
CA ILE C 35 19.43 2.47 6.13
C ILE C 35 19.20 1.50 7.28
N VAL C 36 18.12 1.74 8.02
CA VAL C 36 17.63 0.83 9.03
C VAL C 36 16.15 0.59 8.77
N GLY C 37 15.75 -0.66 8.71
CA GLY C 37 14.38 -1.04 8.41
C GLY C 37 13.72 -1.78 9.55
N LYS C 38 12.43 -1.55 9.74
CA LYS C 38 11.66 -2.21 10.79
C LYS C 38 10.38 -2.78 10.21
N PRO C 39 10.00 -3.99 10.61
CA PRO C 39 8.81 -4.64 10.02
C PRO C 39 7.53 -3.87 10.34
N LYS C 40 6.69 -3.70 9.32
CA LYS C 40 5.41 -3.02 9.51
C LYS C 40 4.50 -3.84 10.43
N ASN C 41 4.43 -5.14 10.21
CA ASN C 41 3.64 -6.03 11.05
C ASN C 41 4.60 -6.88 11.88
N PRO C 42 4.85 -6.54 13.14
CA PRO C 42 5.80 -7.30 13.95
C PRO C 42 5.27 -8.67 14.34
N GLY C 43 5.30 -9.61 13.41
CA GLY C 43 4.88 -10.97 13.67
C GLY C 43 5.34 -11.93 12.59
N ILE C 44 5.97 -13.03 13.00
CA ILE C 44 6.58 -13.96 12.06
C ILE C 44 6.10 -15.37 12.37
N MET C 45 6.23 -16.25 11.38
CA MET C 45 5.81 -17.63 11.54
C MET C 45 6.61 -18.30 12.66
N VAL C 46 5.95 -19.17 13.42
CA VAL C 46 6.59 -19.83 14.54
C VAL C 46 7.76 -20.67 14.05
N GLY C 47 8.90 -20.57 14.75
CA GLY C 47 10.11 -21.25 14.39
C GLY C 47 11.09 -20.40 13.60
N MET C 48 10.65 -19.27 13.07
CA MET C 48 11.53 -18.37 12.34
C MET C 48 12.17 -17.36 13.29
N GLU C 49 13.38 -16.95 12.95
CA GLU C 49 14.10 -15.96 13.75
C GLU C 49 13.58 -14.57 13.43
N GLU C 50 13.11 -13.85 14.44
CA GLU C 50 12.55 -12.53 14.28
C GLU C 50 13.56 -11.49 14.75
N LYS C 51 13.86 -10.52 13.89
CA LYS C 51 14.81 -9.46 14.19
C LYS C 51 14.06 -8.14 14.35
N ASP C 52 14.47 -7.36 15.36
CA ASP C 52 13.81 -6.08 15.60
C ASP C 52 14.02 -5.11 14.45
N CYS C 53 15.22 -5.10 13.87
CA CYS C 53 15.53 -4.17 12.79
C CYS C 53 16.54 -4.82 11.86
N TYR C 54 16.62 -4.28 10.65
CA TYR C 54 17.55 -4.74 9.62
C TYR C 54 18.40 -3.56 9.18
N VAL C 55 19.68 -3.83 8.90
CA VAL C 55 20.63 -2.78 8.55
C VAL C 55 21.28 -3.13 7.21
N GLY C 56 21.33 -2.16 6.31
CA GLY C 56 22.12 -2.27 5.10
C GLY C 56 21.50 -3.06 3.96
N ASP C 57 22.32 -3.91 3.33
CA ASP C 57 21.87 -4.71 2.21
C ASP C 57 20.74 -5.64 2.60
N GLU C 58 20.76 -6.17 3.83
CA GLU C 58 19.68 -7.03 4.28
C GLU C 58 18.36 -6.26 4.38
N ALA C 59 18.41 -5.02 4.87
CA ALA C 59 17.23 -4.19 4.90
C ALA C 59 16.75 -3.86 3.49
N GLN C 60 17.69 -3.63 2.57
CA GLN C 60 17.32 -3.34 1.19
C GLN C 60 16.71 -4.55 0.49
N SER C 61 17.08 -5.77 0.91
CA SER C 61 16.64 -6.97 0.22
C SER C 61 15.18 -7.30 0.53
N LYS C 62 14.73 -7.07 1.75
CA LYS C 62 13.36 -7.35 2.15
C LYS C 62 12.61 -6.07 2.50
N ARG C 63 12.79 -5.03 1.70
CA ARG C 63 12.15 -3.74 1.91
C ARG C 63 10.62 -3.80 1.72
N GLY C 64 10.10 -4.89 1.13
CA GLY C 64 8.67 -4.95 0.86
C GLY C 64 7.83 -5.01 2.12
N ILE C 65 8.41 -5.50 3.22
CA ILE C 65 7.70 -5.62 4.49
C ILE C 65 8.33 -4.75 5.57
N LEU C 66 9.20 -3.82 5.18
CA LEU C 66 9.90 -2.96 6.13
C LEU C 66 9.57 -1.50 5.86
N THR C 67 9.73 -0.69 6.90
CA THR C 67 9.75 0.76 6.77
C THR C 67 11.20 1.22 6.93
N LEU C 68 11.73 1.89 5.92
CA LEU C 68 13.13 2.26 5.88
C LEU C 68 13.34 3.69 6.37
N LYS C 69 14.40 3.88 7.15
CA LYS C 69 14.75 5.19 7.69
C LYS C 69 16.21 5.48 7.44
N TYR C 70 16.52 6.75 7.17
CA TYR C 70 17.90 7.21 7.06
C TYR C 70 18.27 7.93 8.34
N PRO C 71 19.31 7.50 9.06
CA PRO C 71 19.72 8.22 10.27
C PRO C 71 20.49 9.51 10.00
N ILE C 72 20.78 9.86 8.75
CA ILE C 72 21.50 11.07 8.41
C ILE C 72 20.73 11.82 7.32
N GLU C 73 20.48 13.11 7.55
CA GLU C 73 19.92 14.00 6.54
C GLU C 73 20.79 15.24 6.43
N HIS C 74 21.18 15.58 5.21
CA HIS C 74 21.98 16.77 4.92
C HIS C 74 23.29 16.78 5.71
N GLY C 75 23.89 15.59 5.87
CA GLY C 75 25.15 15.46 6.56
C GLY C 75 25.07 15.53 8.07
N ILE C 76 23.87 15.63 8.63
CA ILE C 76 23.68 15.74 10.08
C ILE C 76 22.96 14.50 10.57
N VAL C 77 23.51 13.86 11.60
CA VAL C 77 22.89 12.67 12.18
C VAL C 77 21.65 13.09 12.95
N THR C 78 20.51 12.48 12.61
CA THR C 78 19.23 12.81 13.22
C THR C 78 18.70 11.73 14.15
N ASN C 79 19.31 10.55 14.17
CA ASN C 79 18.88 9.45 15.03
C ASN C 79 20.13 8.71 15.49
N TRP C 80 20.54 8.93 16.73
CA TRP C 80 21.83 8.42 17.18
C TRP C 80 21.80 6.93 17.50
N ASP C 81 20.65 6.40 17.92
CA ASP C 81 20.55 4.95 18.12
C ASP C 81 20.72 4.21 16.80
N ASP C 82 20.07 4.69 15.74
CA ASP C 82 20.21 4.03 14.44
C ASP C 82 21.62 4.20 13.88
N MET C 83 22.23 5.36 14.12
CA MET C 83 23.62 5.56 13.71
C MET C 83 24.55 4.59 14.43
N GLU C 84 24.31 4.38 15.73
CA GLU C 84 25.12 3.42 16.49
C GLU C 84 24.92 2.01 15.97
N LYS C 85 23.68 1.65 15.62
CA LYS C 85 23.43 0.33 15.04
C LYS C 85 24.15 0.17 13.71
N ILE C 86 24.14 1.21 12.88
CA ILE C 86 24.82 1.15 11.60
C ILE C 86 26.33 1.01 11.78
N TRP C 87 26.90 1.75 12.74
CA TRP C 87 28.33 1.62 12.99
C TRP C 87 28.69 0.24 13.52
N HIS C 88 27.84 -0.32 14.40
CA HIS C 88 28.07 -1.67 14.89
C HIS C 88 28.04 -2.68 13.75
N HIS C 89 27.07 -2.55 12.85
CA HIS C 89 27.02 -3.40 11.67
C HIS C 89 28.31 -3.26 10.86
N THR C 90 28.72 -2.02 10.58
CA THR C 90 29.92 -1.77 9.80
C THR C 90 31.13 -2.47 10.40
N PHE C 91 31.30 -2.36 11.71
CA PHE C 91 32.50 -2.89 12.33
C PHE C 91 32.46 -4.42 12.44
N TYR C 92 31.30 -4.99 12.76
CA TYR C 92 31.27 -6.39 13.16
C TYR C 92 30.79 -7.35 12.07
N ASN C 93 29.98 -6.91 11.12
CA ASN C 93 29.48 -7.81 10.09
C ASN C 93 30.08 -7.54 8.72
N GLU C 94 30.50 -6.31 8.44
CA GLU C 94 31.05 -5.97 7.14
C GLU C 94 32.58 -6.06 7.13
N LEU C 95 33.23 -5.28 7.98
CA LEU C 95 34.69 -5.34 8.06
C LEU C 95 35.17 -6.55 8.84
N ARG C 96 34.40 -6.98 9.85
CA ARG C 96 34.73 -8.12 10.69
C ARG C 96 36.08 -7.92 11.39
N VAL C 97 36.18 -6.81 12.12
CA VAL C 97 37.36 -6.44 12.86
C VAL C 97 36.95 -6.06 14.28
N ALA C 98 37.96 -5.84 15.12
CA ALA C 98 37.73 -5.34 16.47
C ALA C 98 38.11 -3.87 16.51
N PRO C 99 37.16 -2.95 16.67
CA PRO C 99 37.50 -1.51 16.59
C PRO C 99 38.41 -1.05 17.72
N GLU C 100 38.56 -1.82 18.80
CA GLU C 100 39.43 -1.42 19.90
C GLU C 100 40.91 -1.60 19.57
N GLU C 101 41.25 -2.16 18.41
CA GLU C 101 42.64 -2.35 18.02
C GLU C 101 43.10 -1.43 16.90
N HIS C 102 42.18 -0.78 16.19
CA HIS C 102 42.54 0.08 15.07
C HIS C 102 42.11 1.52 15.33
N PRO C 103 42.95 2.50 14.99
CA PRO C 103 42.47 3.88 14.92
C PRO C 103 41.51 4.05 13.75
N VAL C 104 40.57 4.99 13.90
CA VAL C 104 39.49 5.16 12.95
C VAL C 104 39.52 6.59 12.41
N LEU C 105 39.51 6.73 11.10
CA LEU C 105 39.40 8.02 10.45
C LEU C 105 37.96 8.21 9.96
N LEU C 106 37.30 9.26 10.43
CA LEU C 106 35.95 9.59 10.03
C LEU C 106 35.94 10.84 9.16
N THR C 107 34.80 11.08 8.51
CA THR C 107 34.64 12.20 7.60
C THR C 107 33.39 12.99 7.98
N GLU C 108 33.39 14.27 7.61
CA GLU C 108 32.25 15.14 7.86
C GLU C 108 32.24 16.24 6.81
N ALA C 109 31.05 16.83 6.63
CA ALA C 109 30.85 17.95 5.71
C ALA C 109 31.20 19.27 6.40
N PRO C 110 31.72 20.25 5.66
CA PRO C 110 32.07 21.53 6.28
C PRO C 110 30.84 22.31 6.70
N LEU C 111 31.04 23.18 7.70
CA LEU C 111 30.00 24.06 8.24
C LEU C 111 28.88 23.27 8.90
N ASN C 112 29.20 22.13 9.50
CA ASN C 112 28.27 21.33 10.27
C ASN C 112 28.22 21.84 11.71
N PRO C 113 27.13 21.52 12.44
CA PRO C 113 27.08 21.88 13.87
C PRO C 113 28.13 21.13 14.67
N LYS C 114 28.54 21.74 15.78
CA LYS C 114 29.61 21.18 16.60
C LYS C 114 29.18 19.93 17.35
N ALA C 115 27.91 19.87 17.77
CA ALA C 115 27.43 18.74 18.53
C ALA C 115 27.55 17.42 17.76
N ASN C 116 27.43 17.48 16.43
CA ASN C 116 27.59 16.27 15.62
C ASN C 116 28.99 15.70 15.80
N ARG C 117 30.01 16.53 15.66
CA ARG C 117 31.39 16.10 15.85
C ARG C 117 31.63 15.60 17.27
N GLU C 118 31.09 16.33 18.27
CA GLU C 118 31.29 15.92 19.65
C GLU C 118 30.67 14.56 19.95
N ARG C 119 29.46 14.33 19.45
CA ARG C 119 28.81 13.03 19.63
C ARG C 119 29.58 11.93 18.92
N MET C 120 30.08 12.23 17.71
CA MET C 120 30.91 11.25 17.02
C MET C 120 32.10 10.83 17.86
N THR C 121 32.81 11.81 18.41
CA THR C 121 33.98 11.50 19.24
C THR C 121 33.59 10.71 20.48
N GLN C 122 32.52 11.13 21.16
CA GLN C 122 32.11 10.45 22.38
C GLN C 122 31.70 9.01 22.12
N ILE C 123 30.96 8.77 21.05
CA ILE C 123 30.51 7.41 20.74
C ILE C 123 31.69 6.55 20.32
N MET C 124 32.62 7.10 19.54
CA MET C 124 33.78 6.33 19.13
C MET C 124 34.63 5.93 20.35
N PHE C 125 34.81 6.84 21.29
CA PHE C 125 35.71 6.55 22.41
C PHE C 125 35.06 5.73 23.51
N GLU C 126 33.75 5.92 23.77
CA GLU C 126 33.12 5.30 24.93
C GLU C 126 32.32 4.05 24.60
N THR C 127 31.83 3.90 23.38
CA THR C 127 31.07 2.72 22.99
C THR C 127 31.91 1.67 22.30
N PHE C 128 32.74 2.07 21.34
CA PHE C 128 33.57 1.14 20.59
C PHE C 128 35.01 1.06 21.11
N ASN C 129 35.39 1.96 22.02
CA ASN C 129 36.68 1.89 22.72
C ASN C 129 37.86 1.86 21.75
N VAL C 130 37.88 2.80 20.81
CA VAL C 130 38.96 2.89 19.84
C VAL C 130 40.19 3.46 20.52
N PRO C 131 41.40 3.20 20.01
CA PRO C 131 42.60 3.79 20.60
C PRO C 131 42.77 5.26 20.23
N ALA C 132 42.40 5.61 19.00
CA ALA C 132 42.54 6.97 18.50
C ALA C 132 41.55 7.17 17.37
N MET C 133 41.32 8.44 17.03
CA MET C 133 40.43 8.77 15.92
C MET C 133 40.78 10.16 15.39
N TYR C 134 40.12 10.50 14.30
CA TYR C 134 40.30 11.80 13.64
C TYR C 134 39.07 12.07 12.79
N VAL C 135 38.76 13.34 12.60
CA VAL C 135 37.66 13.78 11.74
C VAL C 135 38.24 14.71 10.69
N ALA C 136 37.94 14.43 9.42
CA ALA C 136 38.47 15.20 8.30
C ALA C 136 37.33 15.66 7.39
N ILE C 137 37.59 16.74 6.66
CA ILE C 137 36.63 17.29 5.71
C ILE C 137 36.72 16.52 4.40
N GLN C 138 35.56 16.21 3.82
CA GLN C 138 35.51 15.28 2.69
C GLN C 138 36.19 15.84 1.45
N ALA C 139 35.99 17.13 1.16
CA ALA C 139 36.60 17.72 -0.03
C ALA C 139 38.11 17.75 0.05
N VAL C 140 38.65 17.96 1.26
CA VAL C 140 40.10 17.91 1.44
C VAL C 140 40.63 16.52 1.11
N LEU C 141 39.93 15.48 1.55
CA LEU C 141 40.33 14.12 1.21
C LEU C 141 40.24 13.88 -0.29
N SER C 142 39.21 14.42 -0.94
CA SER C 142 39.11 14.29 -2.39
C SER C 142 40.30 14.93 -3.09
N LEU C 143 40.73 16.10 -2.60
CA LEU C 143 41.93 16.72 -3.17
C LEU C 143 43.18 15.90 -2.87
N TYR C 144 43.24 15.23 -1.71
CA TYR C 144 44.33 14.29 -1.45
C TYR C 144 44.36 13.18 -2.48
N SER C 145 43.19 12.66 -2.86
CA SER C 145 43.11 11.53 -3.77
C SER C 145 43.64 11.89 -5.17
N SER C 146 43.51 13.15 -5.58
CA SER C 146 43.87 13.56 -6.93
C SER C 146 45.36 13.81 -7.11
N GLY C 147 46.15 13.76 -6.03
CA GLY C 147 47.57 14.04 -6.14
C GLY C 147 47.89 15.47 -6.53
N ARG C 148 47.13 16.43 -6.02
CA ARG C 148 47.34 17.84 -6.33
C ARG C 148 47.26 18.64 -5.04
N THR C 149 47.88 19.82 -5.07
CA THR C 149 47.89 20.71 -3.92
C THR C 149 47.16 22.01 -4.16
N THR C 150 46.63 22.22 -5.37
CA THR C 150 45.88 23.43 -5.70
C THR C 150 44.63 23.02 -6.48
N GLY C 151 43.50 23.59 -6.11
CA GLY C 151 42.28 23.37 -6.85
C GLY C 151 41.06 23.59 -5.97
N ILE C 152 39.92 23.64 -6.63
CA ILE C 152 38.62 23.78 -5.96
C ILE C 152 37.82 22.53 -6.21
N VAL C 153 37.29 21.95 -5.14
CA VAL C 153 36.59 20.66 -5.18
C VAL C 153 35.09 20.91 -5.02
N LEU C 154 34.31 20.41 -5.97
CA LEU C 154 32.85 20.44 -5.89
C LEU C 154 32.38 19.03 -5.55
N ASP C 155 31.94 18.84 -4.31
CA ASP C 155 31.52 17.54 -3.81
C ASP C 155 30.00 17.52 -3.69
N SER C 156 29.38 16.48 -4.24
CA SER C 156 27.93 16.34 -4.21
C SER C 156 27.58 14.87 -4.06
N GLY C 157 26.97 14.51 -2.93
CA GLY C 157 26.56 13.14 -2.70
C GLY C 157 25.07 12.99 -2.56
N ASP C 158 24.62 12.57 -1.38
CA ASP C 158 23.19 12.44 -1.11
C ASP C 158 22.65 13.53 -0.21
N GLY C 159 23.46 14.07 0.70
CA GLY C 159 22.97 15.05 1.64
C GLY C 159 23.17 16.50 1.24
N VAL C 160 24.40 16.89 0.94
CA VAL C 160 24.75 18.29 0.72
C VAL C 160 25.76 18.42 -0.40
N SER C 161 25.88 19.63 -0.92
CA SER C 161 26.90 20.01 -1.89
C SER C 161 27.75 21.13 -1.31
N HIS C 162 29.07 21.02 -1.45
CA HIS C 162 29.96 22.03 -0.91
C HIS C 162 31.18 22.18 -1.82
N THR C 163 31.79 23.36 -1.77
CA THR C 163 32.98 23.68 -2.54
C THR C 163 34.07 24.17 -1.59
N VAL C 164 35.26 23.58 -1.68
CA VAL C 164 36.39 23.95 -0.85
C VAL C 164 37.58 24.26 -1.75
N PRO C 165 38.09 25.50 -1.79
CA PRO C 165 39.31 25.79 -2.53
C PRO C 165 40.57 25.68 -1.67
N ILE C 166 41.62 25.13 -2.28
CA ILE C 166 42.94 25.01 -1.65
C ILE C 166 43.98 25.51 -2.63
N TYR C 167 44.94 26.29 -2.14
CA TYR C 167 46.00 26.84 -2.97
C TYR C 167 47.36 26.53 -2.36
N GLU C 168 48.18 25.78 -3.08
CA GLU C 168 49.53 25.41 -2.64
C GLU C 168 49.52 24.74 -1.28
N GLY C 169 48.47 23.98 -0.97
CA GLY C 169 48.35 23.29 0.28
C GLY C 169 47.73 24.10 1.41
N TYR C 170 47.47 25.38 1.19
CA TYR C 170 46.90 26.24 2.22
C TYR C 170 45.39 26.35 2.04
N ALA C 171 44.67 26.31 3.16
CA ALA C 171 43.22 26.37 3.15
C ALA C 171 42.73 27.81 3.15
N LEU C 172 41.55 28.02 2.57
CA LEU C 172 40.91 29.33 2.48
C LEU C 172 39.53 29.20 3.11
N PRO C 173 39.45 29.21 4.44
CA PRO C 173 38.16 28.92 5.10
C PRO C 173 37.05 29.91 4.78
N HIS C 174 37.38 31.17 4.53
CA HIS C 174 36.34 32.16 4.27
C HIS C 174 35.68 31.98 2.90
N ALA C 175 36.22 31.12 2.04
CA ALA C 175 35.66 30.90 0.71
C ALA C 175 34.88 29.60 0.59
N ILE C 176 34.69 28.87 1.69
CA ILE C 176 33.93 27.62 1.64
C ILE C 176 32.44 27.95 1.54
N MET C 177 31.76 27.32 0.58
CA MET C 177 30.34 27.52 0.38
C MET C 177 29.60 26.19 0.45
N ARG C 178 28.35 26.25 0.91
CA ARG C 178 27.53 25.07 1.16
C ARG C 178 26.18 25.24 0.50
N LEU C 179 25.74 24.22 -0.24
CA LEU C 179 24.44 24.23 -0.90
C LEU C 179 23.65 23.01 -0.45
N ASP C 180 22.43 23.22 0.03
CA ASP C 180 21.60 22.15 0.57
C ASP C 180 20.72 21.54 -0.53
N LEU C 181 21.39 20.97 -1.52
CA LEU C 181 20.71 20.34 -2.66
C LEU C 181 21.60 19.22 -3.16
N ALA C 182 21.12 17.99 -3.07
CA ALA C 182 21.92 16.82 -3.41
C ALA C 182 21.00 15.73 -3.93
N GLY C 183 21.49 14.49 -3.94
CA GLY C 183 20.81 13.41 -4.64
C GLY C 183 19.42 13.11 -4.10
N ARG C 184 19.24 13.21 -2.79
CA ARG C 184 17.92 12.92 -2.21
C ARG C 184 16.87 13.91 -2.69
N ASP C 185 17.24 15.19 -2.80
CA ASP C 185 16.34 16.18 -3.37
C ASP C 185 15.97 15.83 -4.80
N LEU C 186 16.95 15.36 -5.58
CA LEU C 186 16.68 14.97 -6.95
C LEU C 186 15.75 13.76 -7.02
N THR C 187 15.93 12.79 -6.12
CA THR C 187 15.03 11.65 -6.07
C THR C 187 13.60 12.08 -5.73
N GLU C 188 13.46 12.99 -4.77
CA GLU C 188 12.13 13.49 -4.42
C GLU C 188 11.50 14.24 -5.59
N TYR C 189 12.29 15.05 -6.30
CA TYR C 189 11.75 15.78 -7.44
C TYR C 189 11.34 14.85 -8.57
N MET C 190 12.12 13.78 -8.80
CA MET C 190 11.73 12.78 -9.78
C MET C 190 10.43 12.10 -9.38
N MET C 191 10.27 11.79 -8.09
CA MET C 191 9.00 11.26 -7.60
C MET C 191 7.86 12.21 -7.91
N LYS C 192 8.06 13.49 -7.64
CA LYS C 192 7.01 14.48 -7.85
C LYS C 192 6.63 14.58 -9.32
N ILE C 193 7.61 14.61 -10.21
CA ILE C 193 7.31 14.82 -11.63
C ILE C 193 6.92 13.55 -12.36
N LEU C 194 7.13 12.38 -11.75
CA LEU C 194 6.62 11.15 -12.35
C LEU C 194 5.10 11.01 -12.23
N HIS C 195 4.46 11.84 -11.39
CA HIS C 195 3.01 11.82 -11.29
C HIS C 195 2.34 12.37 -12.53
N GLU C 196 3.07 13.10 -13.38
CA GLU C 196 2.49 13.66 -14.59
C GLU C 196 2.11 12.56 -15.59
N ARG C 197 2.83 11.45 -15.58
CA ARG C 197 2.56 10.34 -16.48
C ARG C 197 1.63 9.29 -15.87
N GLY C 198 1.17 9.49 -14.63
CA GLY C 198 0.29 8.54 -13.99
C GLY C 198 0.96 7.50 -13.14
N TYR C 199 2.27 7.61 -12.91
CA TYR C 199 2.97 6.68 -12.04
C TYR C 199 3.05 7.25 -10.63
N GLY C 200 2.62 6.45 -9.66
CA GLY C 200 2.59 6.91 -8.28
C GLY C 200 3.50 6.14 -7.36
N PHE C 201 4.49 6.82 -6.78
CA PHE C 201 5.41 6.22 -5.83
C PHE C 201 5.35 7.02 -4.54
N THR C 202 5.03 6.36 -3.45
CA THR C 202 4.89 7.04 -2.16
C THR C 202 5.70 6.40 -1.05
N THR C 203 5.82 5.07 -1.04
CA THR C 203 6.43 4.38 0.08
C THR C 203 7.95 4.44 0.00
N SER C 204 8.59 3.91 1.05
CA SER C 204 10.06 3.92 1.13
C SER C 204 10.69 3.04 0.06
N ALA C 205 10.17 1.82 -0.12
CA ALA C 205 10.68 0.94 -1.16
C ALA C 205 10.47 1.54 -2.54
N GLU C 206 9.32 2.19 -2.74
CA GLU C 206 9.10 2.90 -4.00
C GLU C 206 10.08 4.06 -4.16
N LYS C 207 10.47 4.69 -3.05
CA LYS C 207 11.52 5.71 -3.12
C LYS C 207 12.83 5.11 -3.60
N GLU C 208 13.19 3.93 -3.10
CA GLU C 208 14.40 3.26 -3.56
C GLU C 208 14.32 2.93 -5.05
N ILE C 209 13.15 2.46 -5.50
CA ILE C 209 12.96 2.16 -6.92
C ILE C 209 13.11 3.42 -7.77
N VAL C 210 12.56 4.54 -7.31
CA VAL C 210 12.68 5.80 -8.03
C VAL C 210 14.14 6.24 -8.12
N ARG C 211 14.88 6.09 -7.01
CA ARG C 211 16.31 6.40 -7.04
C ARG C 211 17.04 5.54 -8.06
N ASP C 212 16.69 4.27 -8.11
CA ASP C 212 17.30 3.35 -9.10
C ASP C 212 17.04 3.92 -10.50
N ILE C 213 15.77 4.24 -10.79
CA ILE C 213 15.39 4.74 -12.11
C ILE C 213 16.19 5.99 -12.44
N LYS C 214 16.32 6.90 -11.48
CA LYS C 214 17.06 8.14 -11.70
C LYS C 214 18.52 7.85 -12.03
N GLU C 215 19.13 6.89 -11.32
CA GLU C 215 20.52 6.55 -11.60
C GLU C 215 20.68 5.95 -12.99
N LYS C 216 19.75 5.10 -13.41
CA LYS C 216 19.90 4.43 -14.70
C LYS C 216 19.46 5.24 -15.91
N LEU C 217 18.61 6.26 -15.78
CA LEU C 217 18.02 6.86 -16.97
C LEU C 217 18.26 8.34 -17.16
N CYS C 218 18.85 9.04 -16.20
CA CYS C 218 18.94 10.50 -16.29
C CYS C 218 20.26 10.96 -16.89
N TYR C 219 20.24 12.16 -17.45
CA TYR C 219 21.44 12.81 -17.99
C TYR C 219 21.24 14.32 -17.96
N ILE C 220 22.34 15.05 -18.13
CA ILE C 220 22.33 16.51 -18.09
C ILE C 220 22.41 17.04 -19.50
N ALA C 221 21.45 17.89 -19.87
CA ALA C 221 21.39 18.48 -21.20
C ALA C 221 22.41 19.61 -21.33
N LEU C 222 22.99 19.74 -22.52
CA LEU C 222 23.95 20.81 -22.77
C LEU C 222 23.25 22.17 -22.81
N ASP C 223 22.13 22.26 -23.49
CA ASP C 223 21.27 23.44 -23.49
C ASP C 223 19.87 22.98 -23.14
N PHE C 224 19.31 23.54 -22.07
CA PHE C 224 18.05 23.04 -21.54
C PHE C 224 16.87 23.39 -22.44
N ASP C 225 16.78 24.65 -22.90
CA ASP C 225 15.64 25.07 -23.69
C ASP C 225 15.61 24.35 -25.03
N GLU C 226 16.76 24.25 -25.69
CA GLU C 226 16.83 23.54 -26.96
C GLU C 226 16.47 22.07 -26.81
N GLU C 227 16.94 21.44 -25.72
CA GLU C 227 16.63 20.03 -25.50
C GLU C 227 15.16 19.83 -25.20
N MET C 228 14.55 20.75 -24.45
CA MET C 228 13.11 20.67 -24.22
C MET C 228 12.34 20.80 -25.54
N LYS C 229 12.75 21.74 -26.39
CA LYS C 229 12.10 21.90 -27.69
C LYS C 229 12.24 20.64 -28.53
N ALA C 230 13.43 20.04 -28.55
CA ALA C 230 13.64 18.82 -29.32
C ALA C 230 12.82 17.66 -28.78
N ALA C 231 12.71 17.56 -27.45
CA ALA C 231 11.89 16.51 -26.85
C ALA C 231 10.42 16.69 -27.18
N GLU C 232 9.95 17.93 -27.28
CA GLU C 232 8.55 18.16 -27.64
C GLU C 232 8.24 17.83 -29.09
N ASP C 233 9.26 17.56 -29.91
CA ASP C 233 9.07 17.36 -31.35
C ASP C 233 9.34 15.93 -31.81
N SER C 234 9.79 15.04 -30.93
CA SER C 234 10.12 13.69 -31.34
C SER C 234 9.81 12.74 -30.19
N SER C 235 10.22 11.48 -30.33
CA SER C 235 10.01 10.49 -29.29
C SER C 235 11.22 9.58 -29.08
N ASP C 236 12.34 9.83 -29.76
CA ASP C 236 13.52 8.98 -29.60
C ASP C 236 14.16 9.14 -28.23
N ILE C 237 13.81 10.19 -27.49
CA ILE C 237 14.37 10.38 -26.15
C ILE C 237 13.76 9.41 -25.16
N GLU C 238 12.53 8.96 -25.41
CA GLU C 238 11.83 8.10 -24.47
C GLU C 238 12.56 6.78 -24.28
N LYS C 239 12.63 6.34 -23.03
CA LYS C 239 13.21 5.05 -22.65
C LYS C 239 12.26 4.35 -21.70
N SER C 240 12.41 3.02 -21.61
CA SER C 240 11.53 2.20 -20.80
C SER C 240 12.31 1.57 -19.65
N TYR C 241 11.59 1.33 -18.55
CA TYR C 241 12.14 0.73 -17.34
C TYR C 241 11.17 -0.31 -16.83
N GLU C 242 11.70 -1.41 -16.31
CA GLU C 242 10.89 -2.52 -15.82
C GLU C 242 10.91 -2.55 -14.30
N LEU C 243 9.71 -2.51 -13.71
CA LEU C 243 9.54 -2.54 -12.27
C LEU C 243 9.74 -3.95 -11.72
N PRO C 244 9.95 -4.09 -10.41
CA PRO C 244 10.14 -5.44 -9.84
C PRO C 244 8.97 -6.38 -10.06
N ASP C 245 7.76 -5.87 -10.29
CA ASP C 245 6.60 -6.72 -10.50
C ASP C 245 6.29 -6.95 -11.97
N GLY C 246 7.14 -6.48 -12.87
CA GLY C 246 6.99 -6.72 -14.29
C GLY C 246 6.36 -5.59 -15.08
N ASN C 247 5.73 -4.62 -14.42
CA ASN C 247 5.15 -3.50 -15.13
C ASN C 247 6.25 -2.60 -15.70
N ILE C 248 5.89 -1.85 -16.74
CA ILE C 248 6.84 -1.05 -17.50
C ILE C 248 6.40 0.40 -17.48
N ILE C 249 7.32 1.29 -17.14
CA ILE C 249 7.09 2.73 -17.18
C ILE C 249 7.98 3.34 -18.25
N THR C 250 7.55 4.48 -18.78
CA THR C 250 8.26 5.18 -19.84
C THR C 250 8.46 6.64 -19.46
N VAL C 251 9.65 7.16 -19.74
CA VAL C 251 10.03 8.52 -19.34
C VAL C 251 10.55 9.26 -20.55
N GLY C 252 10.11 10.51 -20.71
CA GLY C 252 10.55 11.35 -21.81
C GLY C 252 11.53 12.43 -21.39
N ASN C 253 11.05 13.68 -21.31
CA ASN C 253 11.94 14.78 -20.94
C ASN C 253 12.27 14.80 -19.46
N GLU C 254 11.61 13.98 -18.65
CA GLU C 254 11.95 13.87 -17.24
C GLU C 254 13.41 13.47 -17.06
N ARG C 255 13.97 12.75 -18.03
CA ARG C 255 15.34 12.26 -17.93
C ARG C 255 16.34 13.39 -17.74
N PHE C 256 16.20 14.47 -18.51
CA PHE C 256 17.06 15.62 -18.31
C PHE C 256 16.42 16.73 -17.47
N ARG C 257 15.12 16.62 -17.18
CA ARG C 257 14.49 17.60 -16.30
C ARG C 257 14.83 17.36 -14.83
N CYS C 258 14.98 16.10 -14.41
CA CYS C 258 15.27 15.83 -13.00
C CYS C 258 16.62 16.40 -12.56
N PRO C 259 17.75 16.16 -13.25
CA PRO C 259 19.02 16.72 -12.79
C PRO C 259 19.19 18.20 -13.08
N GLU C 260 18.30 18.81 -13.88
CA GLU C 260 18.41 20.25 -14.15
C GLU C 260 18.22 21.08 -12.88
N ALA C 261 17.59 20.51 -11.84
CA ALA C 261 17.44 21.23 -10.58
C ALA C 261 18.78 21.49 -9.90
N LEU C 262 19.84 20.79 -10.30
CA LEU C 262 21.17 21.12 -9.79
C LEU C 262 21.60 22.51 -10.25
N PHE C 263 21.29 22.86 -11.49
CA PHE C 263 21.64 24.16 -12.05
C PHE C 263 20.54 25.20 -11.94
N GLN C 264 19.30 24.77 -11.73
CA GLN C 264 18.16 25.67 -11.53
C GLN C 264 17.42 25.26 -10.27
N PRO C 265 17.92 25.63 -9.09
CA PRO C 265 17.26 25.22 -7.84
C PRO C 265 15.85 25.75 -7.67
N SER C 266 15.41 26.69 -8.50
CA SER C 266 14.03 27.17 -8.43
C SER C 266 13.02 26.09 -8.83
N PHE C 267 13.47 25.02 -9.49
CA PHE C 267 12.58 23.91 -9.80
C PHE C 267 12.04 23.26 -8.53
N LEU C 268 12.82 23.28 -7.45
CA LEU C 268 12.41 22.73 -6.16
C LEU C 268 11.78 23.78 -5.25
N GLY C 269 11.54 24.98 -5.75
CA GLY C 269 11.05 26.04 -4.91
C GLY C 269 12.09 26.64 -3.99
N LYS C 270 13.37 26.49 -4.32
CA LYS C 270 14.46 26.94 -3.46
C LYS C 270 15.05 28.24 -4.01
N GLU C 271 15.24 29.21 -3.12
CA GLU C 271 15.87 30.47 -3.46
C GLU C 271 17.37 30.33 -3.24
N ALA C 272 18.06 29.78 -4.24
CA ALA C 272 19.48 29.52 -4.14
C ALA C 272 20.07 29.43 -5.53
N ALA C 273 21.40 29.55 -5.59
CA ALA C 273 22.12 29.47 -6.85
C ALA C 273 22.53 28.02 -7.13
N GLY C 274 22.70 27.72 -8.41
CA GLY C 274 23.11 26.40 -8.82
C GLY C 274 24.56 26.11 -8.47
N VAL C 275 24.99 24.90 -8.81
CA VAL C 275 26.34 24.46 -8.45
C VAL C 275 27.38 25.27 -9.21
N HIS C 276 27.09 25.64 -10.46
CA HIS C 276 28.02 26.47 -11.22
C HIS C 276 28.21 27.84 -10.56
N ARG C 277 27.11 28.46 -10.14
CA ARG C 277 27.20 29.75 -9.49
C ARG C 277 27.83 29.64 -8.11
N THR C 278 27.59 28.53 -7.40
CA THR C 278 28.25 28.31 -6.13
C THR C 278 29.76 28.21 -6.30
N THR C 279 30.21 27.44 -7.30
CA THR C 279 31.65 27.33 -7.56
C THR C 279 32.25 28.67 -7.96
N PHE C 280 31.57 29.41 -8.83
CA PHE C 280 32.07 30.72 -9.24
C PHE C 280 32.15 31.68 -8.07
N ASP C 281 31.14 31.68 -7.20
CA ASP C 281 31.17 32.57 -6.04
C ASP C 281 32.28 32.17 -5.07
N SER C 282 32.53 30.87 -4.91
CA SER C 282 33.65 30.44 -4.08
C SER C 282 34.97 30.91 -4.66
N ILE C 283 35.13 30.84 -5.97
CA ILE C 283 36.37 31.29 -6.61
C ILE C 283 36.53 32.80 -6.44
N MET C 284 35.44 33.55 -6.58
CA MET C 284 35.51 35.01 -6.50
C MET C 284 35.72 35.52 -5.08
N LYS C 285 35.62 34.66 -4.07
CA LYS C 285 35.88 35.05 -2.70
C LYS C 285 37.33 34.86 -2.29
N CYS C 286 38.18 34.42 -3.20
CA CYS C 286 39.60 34.24 -2.94
C CYS C 286 40.38 35.44 -3.47
N ASP C 287 41.69 35.44 -3.20
CA ASP C 287 42.54 36.51 -3.69
C ASP C 287 42.67 36.45 -5.21
N VAL C 288 42.95 37.61 -5.79
CA VAL C 288 43.01 37.74 -7.25
C VAL C 288 44.11 36.85 -7.82
N ASP C 289 45.14 36.55 -7.04
CA ASP C 289 46.29 35.79 -7.53
C ASP C 289 46.10 34.28 -7.47
N ILE C 290 44.93 33.80 -7.07
CA ILE C 290 44.70 32.37 -6.85
C ILE C 290 43.70 31.86 -7.90
N ARG C 291 42.93 32.80 -8.45
CA ARG C 291 41.78 32.44 -9.27
C ARG C 291 42.17 31.72 -10.55
N LYS C 292 43.30 32.06 -11.16
CA LYS C 292 43.72 31.38 -12.37
C LYS C 292 43.90 29.88 -12.13
N ASP C 293 44.63 29.53 -11.09
CA ASP C 293 44.84 28.13 -10.76
C ASP C 293 43.53 27.46 -10.36
N LEU C 294 42.67 28.17 -9.61
CA LEU C 294 41.38 27.59 -9.24
C LEU C 294 40.55 27.26 -10.47
N TYR C 295 40.51 28.17 -11.45
CA TYR C 295 39.83 27.88 -12.71
C TYR C 295 40.47 26.70 -13.42
N GLY C 296 41.80 26.57 -13.30
CA GLY C 296 42.49 25.50 -13.99
C GLY C 296 42.31 24.12 -13.37
N ASN C 297 41.87 24.04 -12.12
CA ASN C 297 41.81 22.75 -11.43
C ASN C 297 40.47 22.52 -10.72
N VAL C 298 39.36 22.71 -11.42
CA VAL C 298 38.05 22.37 -10.86
C VAL C 298 37.88 20.86 -10.87
N VAL C 299 37.65 20.27 -9.70
CA VAL C 299 37.63 18.83 -9.50
C VAL C 299 36.25 18.42 -8.99
N LEU C 300 35.67 17.38 -9.62
CA LEU C 300 34.38 16.83 -9.23
C LEU C 300 34.55 15.63 -8.33
N SER C 301 33.62 15.46 -7.39
CA SER C 301 33.65 14.35 -6.45
C SER C 301 32.24 14.08 -5.96
N GLY C 302 31.95 12.80 -5.71
CA GLY C 302 30.67 12.37 -5.18
C GLY C 302 29.83 11.66 -6.23
N GLY C 303 28.73 11.08 -5.74
CA GLY C 303 27.84 10.32 -6.61
C GLY C 303 26.93 11.16 -7.47
N THR C 304 26.57 12.36 -7.00
CA THR C 304 25.70 13.23 -7.79
C THR C 304 26.43 13.88 -8.96
N THR C 305 27.75 13.77 -9.02
CA THR C 305 28.52 14.26 -10.16
C THR C 305 28.73 13.19 -11.22
N MET C 306 28.02 12.06 -11.14
CA MET C 306 28.20 10.96 -12.06
C MET C 306 27.25 10.99 -13.24
N TYR C 307 26.45 12.06 -13.38
CA TYR C 307 25.56 12.19 -14.52
C TYR C 307 26.35 12.35 -15.81
N GLU C 308 25.78 11.88 -16.91
CA GLU C 308 26.42 12.03 -18.21
C GLU C 308 26.27 13.47 -18.70
N GLY C 309 27.37 14.06 -19.12
CA GLY C 309 27.38 15.42 -19.62
C GLY C 309 27.50 16.50 -18.57
N ILE C 310 27.80 16.15 -17.32
CA ILE C 310 27.90 17.16 -16.28
C ILE C 310 29.13 18.04 -16.47
N GLY C 311 30.25 17.44 -16.90
CA GLY C 311 31.46 18.21 -17.10
C GLY C 311 31.33 19.26 -18.19
N GLU C 312 30.70 18.89 -19.30
CA GLU C 312 30.51 19.84 -20.39
C GLU C 312 29.63 21.01 -19.96
N ARG C 313 28.54 20.71 -19.25
CA ARG C 313 27.65 21.77 -18.79
C ARG C 313 28.34 22.69 -17.80
N LEU C 314 29.09 22.11 -16.85
CA LEU C 314 29.80 22.93 -15.88
C LEU C 314 30.85 23.80 -16.56
N THR C 315 31.56 23.23 -17.55
CA THR C 315 32.54 24.02 -18.31
C THR C 315 31.88 25.17 -19.05
N LYS C 316 30.74 24.91 -19.68
CA LYS C 316 30.03 25.97 -20.40
C LYS C 316 29.59 27.09 -19.45
N GLU C 317 29.02 26.72 -18.31
CA GLU C 317 28.56 27.73 -17.37
C GLU C 317 29.72 28.55 -16.81
N LEU C 318 30.82 27.89 -16.44
CA LEU C 318 31.97 28.61 -15.90
C LEU C 318 32.62 29.49 -16.96
N THR C 319 32.67 29.02 -18.20
CA THR C 319 33.18 29.85 -19.29
C THR C 319 32.30 31.08 -19.48
N SER C 320 30.99 30.93 -19.36
CA SER C 320 30.10 32.07 -19.44
C SER C 320 30.36 33.07 -18.31
N LEU C 321 30.61 32.57 -17.11
CA LEU C 321 30.78 33.45 -15.95
C LEU C 321 32.18 34.06 -15.84
N ALA C 322 33.21 33.37 -16.31
CA ALA C 322 34.59 33.81 -16.13
C ALA C 322 35.05 34.70 -17.28
N PRO C 323 36.13 35.45 -17.10
CA PRO C 323 36.68 36.25 -18.20
C PRO C 323 37.17 35.36 -19.34
N SER C 324 37.11 35.90 -20.55
CA SER C 324 37.36 35.12 -21.76
C SER C 324 38.80 34.62 -21.88
N THR C 325 39.73 35.23 -21.16
CA THR C 325 41.13 34.80 -21.24
C THR C 325 41.43 33.60 -20.36
N MET C 326 40.68 33.40 -19.29
CA MET C 326 40.93 32.29 -18.39
C MET C 326 40.61 30.95 -19.06
N LYS C 327 41.40 29.94 -18.71
CA LYS C 327 41.17 28.58 -19.17
C LYS C 327 40.49 27.80 -18.06
N ILE C 328 39.29 27.28 -18.35
CA ILE C 328 38.52 26.49 -17.40
C ILE C 328 38.73 25.02 -17.72
N LYS C 329 39.21 24.26 -16.73
CA LYS C 329 39.39 22.82 -16.88
C LYS C 329 38.67 22.12 -15.74
N VAL C 330 37.80 21.17 -16.10
CA VAL C 330 37.04 20.40 -15.12
C VAL C 330 37.50 18.96 -15.19
N VAL C 331 37.90 18.40 -14.05
CA VAL C 331 38.42 17.05 -13.95
C VAL C 331 37.32 16.15 -13.37
N ALA C 332 37.03 15.07 -14.07
CA ALA C 332 36.00 14.10 -13.66
C ALA C 332 36.62 12.72 -13.64
N PRO C 333 37.25 12.33 -12.54
CA PRO C 333 37.84 10.99 -12.45
C PRO C 333 36.78 9.91 -12.60
N PRO C 334 37.12 8.79 -13.23
CA PRO C 334 36.14 7.70 -13.34
C PRO C 334 35.70 7.14 -11.99
N GLU C 335 36.59 7.13 -11.00
CA GLU C 335 36.29 6.58 -9.69
C GLU C 335 35.94 7.66 -8.67
N ARG C 336 35.39 8.79 -9.13
CA ARG C 336 35.14 9.92 -8.24
C ARG C 336 34.05 9.63 -7.21
N LYS C 337 33.31 8.54 -7.35
CA LYS C 337 32.38 8.12 -6.31
C LYS C 337 33.08 7.62 -5.06
N TYR C 338 34.39 7.35 -5.12
CA TYR C 338 35.15 6.85 -3.98
C TYR C 338 36.37 7.71 -3.68
N SER C 339 36.40 8.95 -4.16
CA SER C 339 37.59 9.79 -3.98
C SER C 339 37.81 10.13 -2.51
N VAL C 340 36.74 10.35 -1.76
CA VAL C 340 36.87 10.70 -0.35
C VAL C 340 37.52 9.56 0.42
N TRP C 341 37.07 8.33 0.18
CA TRP C 341 37.66 7.19 0.88
C TRP C 341 39.12 6.98 0.49
N ILE C 342 39.45 7.10 -0.80
CA ILE C 342 40.83 6.93 -1.23
C ILE C 342 41.73 7.99 -0.62
N GLY C 343 41.26 9.24 -0.60
CA GLY C 343 42.03 10.30 0.02
C GLY C 343 42.21 10.09 1.50
N GLY C 344 41.17 9.61 2.18
CA GLY C 344 41.30 9.31 3.60
C GLY C 344 42.31 8.21 3.87
N SER C 345 42.31 7.17 3.02
CA SER C 345 43.30 6.11 3.15
C SER C 345 44.72 6.66 2.96
N ILE C 346 44.89 7.50 1.94
CA ILE C 346 46.20 8.10 1.68
C ILE C 346 46.64 8.93 2.89
N LEU C 347 45.74 9.77 3.41
CA LEU C 347 46.10 10.65 4.52
C LEU C 347 46.43 9.85 5.78
N SER C 348 45.64 8.82 6.08
CA SER C 348 45.90 8.01 7.26
C SER C 348 47.10 7.09 7.10
N SER C 349 47.61 6.90 5.88
CA SER C 349 48.78 6.09 5.67
C SER C 349 50.09 6.89 5.70
N LEU C 350 50.04 8.19 5.95
CA LEU C 350 51.23 9.03 5.92
C LEU C 350 51.97 8.99 7.25
N SER C 351 53.29 9.01 7.17
CA SER C 351 54.12 8.98 8.39
C SER C 351 53.97 10.25 9.21
N THR C 352 53.79 11.40 8.56
CA THR C 352 53.63 12.65 9.28
C THR C 352 52.27 12.79 9.95
N PHE C 353 51.26 12.04 9.50
CA PHE C 353 49.93 12.14 10.07
C PHE C 353 49.81 11.44 11.41
N GLN C 354 50.75 10.57 11.76
CA GLN C 354 50.61 9.74 12.95
C GLN C 354 50.69 10.52 14.25
N GLN C 355 51.02 11.81 14.21
CA GLN C 355 50.99 12.64 15.40
C GLN C 355 49.70 13.44 15.53
N MET C 356 48.81 13.38 14.54
CA MET C 356 47.57 14.14 14.57
C MET C 356 46.40 13.38 15.18
N TRP C 357 46.57 12.10 15.50
CA TRP C 357 45.48 11.33 16.09
C TRP C 357 45.08 11.89 17.44
N ILE C 358 43.79 11.88 17.71
CA ILE C 358 43.26 12.17 19.05
C ILE C 358 43.28 10.86 19.83
N THR C 359 44.23 10.73 20.75
CA THR C 359 44.38 9.48 21.47
C THR C 359 43.39 9.40 22.65
N LYS C 360 43.31 8.22 23.25
CA LYS C 360 42.39 8.01 24.35
C LYS C 360 42.82 8.78 25.60
N GLU C 361 44.12 9.01 25.78
CA GLU C 361 44.59 9.79 26.93
C GLU C 361 44.10 11.23 26.86
N GLU C 362 44.26 11.87 25.70
CA GLU C 362 43.79 13.25 25.56
C GLU C 362 42.29 13.33 25.73
N TYR C 363 41.56 12.33 25.23
CA TYR C 363 40.11 12.33 25.43
C TYR C 363 39.76 12.22 26.92
N ASP C 364 40.39 11.28 27.62
CA ASP C 364 40.13 11.14 29.05
C ASP C 364 40.49 12.41 29.81
N GLU C 365 41.46 13.17 29.31
CA GLU C 365 41.85 14.41 29.96
C GLU C 365 40.87 15.54 29.68
N SER C 366 40.34 15.63 28.45
CA SER C 366 39.68 16.86 28.01
C SER C 366 38.20 16.73 27.68
N GLY C 367 37.65 15.52 27.60
CA GLY C 367 36.26 15.36 27.22
C GLY C 367 36.08 15.44 25.72
N PRO C 368 34.83 15.35 25.27
CA PRO C 368 34.57 15.38 23.81
C PRO C 368 34.92 16.70 23.15
N SER C 369 35.16 17.76 23.91
CA SER C 369 35.51 19.05 23.33
C SER C 369 36.90 19.05 22.71
N ILE C 370 37.70 18.00 22.92
CA ILE C 370 39.05 17.93 22.38
C ILE C 370 39.03 17.95 20.86
N VAL C 371 37.96 17.45 20.25
CA VAL C 371 37.91 17.33 18.79
C VAL C 371 37.94 18.70 18.13
N HIS C 372 37.50 19.75 18.83
CA HIS C 372 37.46 21.07 18.22
C HIS C 372 38.84 21.69 18.09
N ARG C 373 39.73 21.44 19.06
CA ARG C 373 41.06 22.02 19.04
C ARG C 373 42.10 21.12 18.40
N LYS C 374 41.71 19.96 17.87
CA LYS C 374 42.64 19.06 17.21
C LYS C 374 42.31 18.80 15.75
N CYS C 375 41.04 18.77 15.37
CA CYS C 375 40.63 18.59 13.99
C CYS C 375 40.05 19.90 13.47
N PHE C 376 40.68 20.45 12.45
CA PHE C 376 40.27 21.75 11.90
C PHE C 376 40.93 22.00 10.55
#